data_6LZZ
#
_entry.id   6LZZ
#
_cell.length_a   103.383
_cell.length_b   103.383
_cell.length_c   268.366
_cell.angle_alpha   90.000
_cell.angle_beta   90.000
_cell.angle_gamma   90.000
#
_symmetry.space_group_name_H-M   'P 41 21 2'
#
loop_
_entity.id
_entity.type
_entity.pdbx_description
1 polymer "High affinity cGMP-specific 3',5'-cyclic phosphodiesterase 9A"
2 non-polymer 'ZINC ION'
3 non-polymer 'MAGNESIUM ION'
4 non-polymer 1-cyclopentyl-6-[[(2R)-1-(2-oxa-6-azaspiro[3.3]heptan-6-yl)-1-oxidanylidene-propan-2-yl]amino]-5H-pyrazolo[3,4-d]pyrimidin-4-one
5 water water
#
_entity_poly.entity_id   1
_entity_poly.type   'polypeptide(L)'
_entity_poly.pdbx_seq_one_letter_code
;KYLLSPETIEALRKPTFDVWLWEPNEMLSCLEHMYHDLGLVRDFSINPVTLRRWLFCVHDNYRNNPFHNFRHCFCVAQMM
YSMVWLCSLQEKFSQTDILILMTAAICHDLDHPGYNNTYQINARTELAVRYNDISPLENHHCAVAFQILAEPECNIFSNI
PPDGFKQIRQGMITLILATDMARHAEIMDSFKEKMENFDYSNEEHMTLLKMILIKCCDISNEVRPMEVAEPWVDCLLEEY
FMQSDREKSEGLPVAPFMDRDKVTKATAQIGFIKFVLIPMFETVTKLFPMVEEIMLQPLWESRDRYEELKRIDDAMKELQ
KK
;
_entity_poly.pdbx_strand_id   A,B
#
loop_
_chem_comp.id
_chem_comp.type
_chem_comp.name
_chem_comp.formula
EZU non-polymer 1-cyclopentyl-6-[[(2R)-1-(2-oxa-6-azaspiro[3.3]heptan-6-yl)-1-oxidanylidene-propan-2-yl]amino]-5H-pyrazolo[3,4-d]pyrimidin-4-one 'C18 H24 N6 O3'
MG non-polymer 'MAGNESIUM ION' 'Mg 2'
ZN non-polymer 'ZINC ION' 'Zn 2'
#
# COMPACT_ATOMS: atom_id res chain seq x y z
N LEU A 3 24.21 18.84 -27.75
CA LEU A 3 23.33 18.49 -28.88
C LEU A 3 23.48 17.03 -29.33
N LEU A 4 22.60 16.63 -30.26
CA LEU A 4 22.48 15.23 -30.67
C LEU A 4 22.41 15.13 -32.18
N SER A 5 22.99 14.07 -32.73
CA SER A 5 23.03 13.89 -34.18
C SER A 5 21.68 13.43 -34.69
N PRO A 6 21.49 13.41 -36.02
CA PRO A 6 20.30 12.72 -36.57
C PRO A 6 20.47 11.22 -36.68
N GLU A 7 21.69 10.70 -36.63
CA GLU A 7 21.86 9.26 -36.55
C GLU A 7 21.53 8.77 -35.15
N THR A 8 21.95 9.53 -34.13
CA THR A 8 21.54 9.25 -32.75
C THR A 8 20.02 9.21 -32.63
N ILE A 9 19.35 10.26 -33.09
CA ILE A 9 17.89 10.34 -32.97
C ILE A 9 17.21 9.14 -33.61
N GLU A 10 17.78 8.60 -34.69
CA GLU A 10 17.24 7.41 -35.31
C GLU A 10 17.55 6.16 -34.49
N ALA A 11 18.79 6.06 -34.02
CA ALA A 11 19.14 4.92 -33.18
C ALA A 11 18.26 4.85 -31.95
N LEU A 12 17.76 6.00 -31.47
CA LEU A 12 17.05 6.06 -30.21
C LEU A 12 15.77 5.22 -30.22
N ARG A 13 15.36 4.72 -31.38
CA ARG A 13 14.10 4.03 -31.56
C ARG A 13 14.21 2.51 -31.54
N LYS A 14 15.42 1.96 -31.46
CA LYS A 14 15.65 0.51 -31.50
C LYS A 14 16.36 0.04 -30.22
N PRO A 15 16.15 -1.23 -29.81
CA PRO A 15 16.73 -1.68 -28.52
C PRO A 15 18.22 -1.96 -28.59
N THR A 16 18.84 -1.65 -29.72
CA THR A 16 20.30 -1.68 -29.86
C THR A 16 20.97 -0.34 -29.51
N PHE A 17 20.21 0.66 -29.07
CA PHE A 17 20.81 1.94 -28.70
C PHE A 17 21.87 1.77 -27.62
N ASP A 18 23.05 2.32 -27.87
CA ASP A 18 24.15 2.14 -26.93
C ASP A 18 24.02 3.16 -25.81
N VAL A 19 23.62 2.70 -24.62
CA VAL A 19 23.22 3.60 -23.55
C VAL A 19 24.40 4.14 -22.75
N TRP A 20 25.58 3.52 -22.89
CA TRP A 20 26.78 3.91 -22.18
C TRP A 20 27.60 4.95 -22.91
N LEU A 21 27.15 5.42 -24.08
CA LEU A 21 27.87 6.43 -24.87
C LEU A 21 27.63 7.85 -24.41
N TRP A 22 26.61 8.10 -23.57
CA TRP A 22 26.03 9.43 -23.40
C TRP A 22 26.17 9.94 -21.97
N GLU A 23 26.60 11.19 -21.84
CA GLU A 23 26.55 11.89 -20.57
C GLU A 23 25.09 12.19 -20.19
N PRO A 24 24.86 12.46 -18.90
CA PRO A 24 23.50 12.82 -18.46
C PRO A 24 22.81 13.89 -19.31
N ASN A 25 23.55 14.93 -19.66
CA ASN A 25 23.02 15.98 -20.53
C ASN A 25 22.43 15.41 -21.82
N GLU A 26 23.19 14.55 -22.51
CA GLU A 26 22.67 14.03 -23.77
C GLU A 26 21.48 13.10 -23.54
N MET A 27 21.39 12.51 -22.35
CA MET A 27 20.30 11.59 -22.05
C MET A 27 19.00 12.34 -21.78
N LEU A 28 19.08 13.47 -21.08
CA LEU A 28 17.90 14.30 -20.89
C LEU A 28 17.36 14.83 -22.22
N SER A 29 18.22 15.07 -23.20
CA SER A 29 17.76 15.50 -24.53
C SER A 29 17.09 14.34 -25.29
N CYS A 30 17.65 13.14 -25.19
CA CYS A 30 16.98 11.97 -25.75
C CYS A 30 15.58 11.77 -25.18
N LEU A 31 15.44 11.93 -23.86
CA LEU A 31 14.14 11.81 -23.21
C LEU A 31 13.20 12.92 -23.65
N GLU A 32 13.61 14.16 -23.46
CA GLU A 32 12.91 15.30 -24.05
C GLU A 32 12.43 15.05 -25.47
N HIS A 33 13.34 14.58 -26.34
CA HIS A 33 12.98 14.36 -27.73
C HIS A 33 11.84 13.35 -27.84
N MET A 34 11.88 12.27 -27.06
CA MET A 34 10.82 11.27 -27.09
C MET A 34 9.46 11.89 -26.78
N TYR A 35 9.44 12.87 -25.88
CA TYR A 35 8.17 13.48 -25.52
C TYR A 35 7.64 14.36 -26.63
N HIS A 36 8.52 15.01 -27.39
CA HIS A 36 8.07 15.71 -28.59
C HIS A 36 7.65 14.73 -29.69
N ASP A 37 8.55 13.79 -30.01
CA ASP A 37 8.36 12.93 -31.16
C ASP A 37 7.16 12.01 -31.01
N LEU A 38 6.78 11.66 -29.77
CA LEU A 38 5.58 10.86 -29.57
C LEU A 38 4.32 11.72 -29.58
N GLY A 39 4.44 13.04 -29.76
CA GLY A 39 3.30 13.93 -29.75
C GLY A 39 2.72 14.21 -28.38
N LEU A 40 3.45 13.83 -27.31
CA LEU A 40 2.95 14.06 -25.97
C LEU A 40 2.93 15.55 -25.66
N VAL A 41 3.97 16.27 -26.07
CA VAL A 41 3.98 17.70 -25.82
C VAL A 41 2.75 18.34 -26.46
N ARG A 42 2.43 17.90 -27.67
CA ARG A 42 1.36 18.53 -28.45
C ARG A 42 0.01 18.26 -27.83
N ASP A 43 -0.28 16.99 -27.56
CA ASP A 43 -1.62 16.59 -27.14
C ASP A 43 -1.96 16.97 -25.71
N PHE A 44 -0.98 17.09 -24.81
CA PHE A 44 -1.27 17.49 -23.44
C PHE A 44 -0.77 18.90 -23.14
N SER A 45 -0.49 19.69 -24.19
CA SER A 45 -0.14 21.10 -24.04
C SER A 45 1.05 21.27 -23.10
N ILE A 46 2.00 20.36 -23.17
CA ILE A 46 3.17 20.43 -22.29
C ILE A 46 4.02 21.61 -22.69
N ASN A 47 4.30 22.48 -21.72
CA ASN A 47 5.28 23.54 -21.91
C ASN A 47 6.61 22.91 -22.28
N PRO A 48 7.22 23.31 -23.41
CA PRO A 48 8.54 22.74 -23.75
C PRO A 48 9.67 23.12 -22.78
N VAL A 49 9.60 24.26 -22.08
CA VAL A 49 10.63 24.49 -21.06
C VAL A 49 10.31 23.70 -19.79
N THR A 50 9.02 23.63 -19.43
CA THR A 50 8.62 22.84 -18.26
C THR A 50 9.02 21.39 -18.42
N LEU A 51 9.03 20.88 -19.67
CA LEU A 51 9.47 19.50 -19.90
C LEU A 51 10.97 19.34 -19.67
N ARG A 52 11.78 20.36 -20.02
CA ARG A 52 13.21 20.32 -19.73
C ARG A 52 13.48 20.37 -18.24
N ARG A 53 12.89 21.35 -17.57
CA ARG A 53 12.93 21.44 -16.12
C ARG A 53 12.58 20.15 -15.45
N TRP A 54 11.43 19.60 -15.82
CA TRP A 54 10.99 18.37 -15.21
C TRP A 54 12.01 17.26 -15.42
N LEU A 55 12.53 17.14 -16.65
CA LEU A 55 13.55 16.11 -16.88
C LEU A 55 14.78 16.33 -15.98
N PHE A 56 15.21 17.58 -15.80
CA PHE A 56 16.32 17.82 -14.89
C PHE A 56 15.88 17.60 -13.44
N CYS A 57 14.64 17.94 -13.13
CA CYS A 57 14.04 17.68 -11.83
C CYS A 57 14.11 16.21 -11.47
N VAL A 58 13.82 15.36 -12.45
CA VAL A 58 13.89 13.92 -12.28
C VAL A 58 15.32 13.48 -12.05
N HIS A 59 16.27 14.02 -12.83
CA HIS A 59 17.65 13.55 -12.81
C HIS A 59 18.27 13.72 -11.43
N ASP A 60 18.12 14.91 -10.85
CA ASP A 60 18.75 15.17 -9.57
C ASP A 60 18.29 14.18 -8.50
N ASN A 61 17.00 13.84 -8.51
CA ASN A 61 16.39 12.97 -7.51
C ASN A 61 16.72 11.51 -7.71
N TYR A 62 17.66 11.19 -8.59
CA TYR A 62 18.12 9.84 -8.79
C TYR A 62 19.48 9.70 -8.14
N ARG A 63 19.66 8.66 -7.35
CA ARG A 63 20.91 8.52 -6.62
C ARG A 63 21.98 7.89 -7.48
N ASN A 64 23.24 8.01 -7.02
CA ASN A 64 24.41 7.45 -7.71
C ASN A 64 24.65 6.01 -7.24
N ASN A 65 23.84 5.21 -7.66
CA ASN A 65 23.91 3.81 -7.30
C ASN A 65 24.63 3.03 -8.39
N PRO A 66 25.26 1.89 -8.06
CA PRO A 66 25.92 1.13 -9.13
C PRO A 66 24.98 0.74 -10.27
N PHE A 67 23.71 0.43 -9.98
CA PHE A 67 22.73 0.02 -10.99
C PHE A 67 21.50 0.91 -10.99
N HIS A 68 20.76 0.96 -9.88
CA HIS A 68 19.51 1.72 -9.79
C HIS A 68 19.81 3.20 -9.76
N ASN A 69 20.11 3.74 -10.94
CA ASN A 69 20.51 5.14 -11.05
C ASN A 69 19.82 5.76 -12.26
N PHE A 70 20.19 7.00 -12.58
CA PHE A 70 19.54 7.70 -13.69
C PHE A 70 19.85 7.08 -15.05
N ARG A 71 20.96 6.37 -15.20
CA ARG A 71 21.14 5.70 -16.48
C ARG A 71 20.23 4.50 -16.60
N HIS A 72 19.92 3.86 -15.48
CA HIS A 72 18.97 2.74 -15.53
C HIS A 72 17.61 3.22 -16.01
N CYS A 73 17.09 4.31 -15.43
CA CYS A 73 15.76 4.77 -15.85
C CYS A 73 15.78 5.29 -17.27
N PHE A 74 16.93 5.73 -17.75
CA PHE A 74 17.03 6.01 -19.16
C PHE A 74 16.91 4.73 -19.97
N CYS A 75 17.54 3.64 -19.50
CA CYS A 75 17.44 2.40 -20.25
C CYS A 75 15.98 1.99 -20.37
N VAL A 76 15.20 2.19 -19.30
CA VAL A 76 13.82 1.72 -19.26
C VAL A 76 12.93 2.61 -20.12
N ALA A 77 13.05 3.94 -19.96
CA ALA A 77 12.38 4.88 -20.83
C ALA A 77 12.73 4.65 -22.30
N GLN A 78 14.02 4.51 -22.60
CA GLN A 78 14.40 4.33 -23.99
C GLN A 78 13.91 3.01 -24.55
N MET A 79 13.80 1.98 -23.71
CA MET A 79 13.29 0.69 -24.19
C MET A 79 11.78 0.74 -24.38
N MET A 80 11.09 1.53 -23.57
CA MET A 80 9.65 1.74 -23.73
C MET A 80 9.36 2.38 -25.08
N TYR A 81 9.98 3.54 -25.32
CA TYR A 81 10.02 4.19 -26.64
C TYR A 81 10.25 3.22 -27.79
N SER A 82 11.31 2.41 -27.71
CA SER A 82 11.61 1.39 -28.72
C SER A 82 10.41 0.52 -28.99
N MET A 83 9.70 0.15 -27.93
CA MET A 83 8.59 -0.79 -28.07
C MET A 83 7.33 -0.13 -28.61
N VAL A 84 7.14 1.17 -28.37
CA VAL A 84 6.06 1.89 -29.03
C VAL A 84 6.17 1.71 -30.54
N TRP A 85 7.37 1.92 -31.10
CA TRP A 85 7.53 1.81 -32.55
C TRP A 85 7.47 0.37 -33.02
N LEU A 86 8.19 -0.52 -32.33
CA LEU A 86 8.28 -1.90 -32.79
C LEU A 86 6.92 -2.60 -32.78
N CYS A 87 6.07 -2.26 -31.81
CA CYS A 87 4.74 -2.85 -31.66
C CYS A 87 3.62 -1.89 -32.00
N SER A 88 3.92 -0.79 -32.69
CA SER A 88 2.89 0.11 -33.23
C SER A 88 1.89 0.58 -32.16
N LEU A 89 2.32 0.57 -30.89
CA LEU A 89 1.44 0.81 -29.77
C LEU A 89 0.59 2.06 -29.95
N GLN A 90 0.98 2.97 -30.83
CA GLN A 90 0.14 4.15 -31.01
C GLN A 90 -1.14 3.86 -31.81
N GLU A 91 -1.27 2.68 -32.43
CA GLU A 91 -2.57 2.20 -32.90
C GLU A 91 -3.37 1.49 -31.82
N LYS A 92 -2.72 0.97 -30.79
CA LYS A 92 -3.41 0.19 -29.77
C LYS A 92 -3.70 0.97 -28.49
N PHE A 93 -3.08 2.15 -28.30
CA PHE A 93 -3.20 2.90 -27.05
C PHE A 93 -3.52 4.37 -27.32
N SER A 94 -4.33 4.95 -26.45
CA SER A 94 -4.49 6.40 -26.42
C SER A 94 -3.17 7.09 -26.07
N GLN A 95 -3.08 8.38 -26.43
CA GLN A 95 -1.94 9.19 -26.03
C GLN A 95 -1.81 9.25 -24.52
N THR A 96 -2.92 9.25 -23.81
CA THR A 96 -2.85 9.25 -22.35
C THR A 96 -2.13 8.01 -21.86
N ASP A 97 -2.44 6.84 -22.41
CA ASP A 97 -1.78 5.61 -22.00
C ASP A 97 -0.31 5.61 -22.35
N ILE A 98 0.04 6.23 -23.50
CA ILE A 98 1.43 6.39 -23.87
C ILE A 98 2.13 7.29 -22.85
N LEU A 99 1.53 8.46 -22.56
CA LEU A 99 2.12 9.37 -21.58
C LEU A 99 2.36 8.68 -20.25
N ILE A 100 1.38 7.89 -19.78
CA ILE A 100 1.51 7.12 -18.54
C ILE A 100 2.64 6.10 -18.67
N LEU A 101 2.78 5.49 -19.84
CA LEU A 101 3.80 4.47 -20.00
C LEU A 101 5.20 5.08 -20.00
N MET A 102 5.35 6.26 -20.61
CA MET A 102 6.67 6.89 -20.72
C MET A 102 7.01 7.66 -19.44
N THR A 103 6.02 8.26 -18.79
CA THR A 103 6.30 8.97 -17.54
C THR A 103 6.56 8.00 -16.39
N ALA A 104 5.75 6.95 -16.26
CA ALA A 104 6.03 5.92 -15.26
C ALA A 104 7.38 5.26 -15.52
N ALA A 105 7.72 4.97 -16.78
CA ALA A 105 9.02 4.38 -17.08
C ALA A 105 10.16 5.30 -16.67
N ILE A 106 9.98 6.62 -16.79
CA ILE A 106 11.02 7.55 -16.34
C ILE A 106 11.08 7.66 -14.83
N CYS A 107 9.98 7.40 -14.14
CA CYS A 107 9.91 7.71 -12.72
C CYS A 107 10.00 6.51 -11.79
N HIS A 108 9.93 5.28 -12.30
CA HIS A 108 9.65 4.06 -11.53
C HIS A 108 10.76 3.62 -10.55
N ASP A 109 11.91 4.31 -10.47
CA ASP A 109 12.92 4.03 -9.44
C ASP A 109 13.47 5.32 -8.81
N LEU A 110 12.68 6.40 -8.81
CA LEU A 110 13.09 7.66 -8.20
C LEU A 110 13.59 7.45 -6.78
N ASP A 111 14.79 7.95 -6.52
CA ASP A 111 15.37 7.91 -5.18
C ASP A 111 15.51 6.47 -4.66
N HIS A 112 15.84 5.54 -5.55
CA HIS A 112 16.25 4.23 -5.06
C HIS A 112 17.49 4.42 -4.18
N PRO A 113 17.55 3.77 -3.02
CA PRO A 113 18.69 3.95 -2.12
C PRO A 113 19.79 2.90 -2.33
N GLY A 114 19.55 1.87 -3.13
CA GLY A 114 20.55 0.86 -3.39
C GLY A 114 20.38 -0.42 -2.62
N TYR A 115 19.28 -0.56 -1.86
CA TYR A 115 18.99 -1.74 -1.08
C TYR A 115 17.52 -2.09 -1.31
N ASN A 116 17.23 -3.35 -1.61
CA ASN A 116 15.92 -3.71 -2.15
C ASN A 116 14.86 -3.81 -1.03
N ASN A 117 13.64 -4.19 -1.40
CA ASN A 117 12.55 -4.24 -0.43
C ASN A 117 12.86 -5.19 0.73
N THR A 118 13.48 -6.34 0.43
CA THR A 118 13.76 -7.33 1.47
C THR A 118 14.69 -6.75 2.53
N TYR A 119 15.71 -6.03 2.11
CA TYR A 119 16.49 -5.29 3.08
C TYR A 119 15.59 -4.37 3.90
N GLN A 120 14.95 -3.42 3.22
CA GLN A 120 14.05 -2.44 3.84
C GLN A 120 13.20 -3.04 4.95
N ILE A 121 12.55 -4.16 4.67
CA ILE A 121 11.69 -4.79 5.67
C ILE A 121 12.53 -5.40 6.78
N ASN A 122 13.40 -6.36 6.42
CA ASN A 122 14.23 -7.04 7.40
C ASN A 122 15.02 -6.08 8.29
N ALA A 123 15.41 -4.91 7.78
CA ALA A 123 16.13 -3.90 8.57
C ALA A 123 15.20 -2.92 9.30
N ARG A 124 13.88 -3.05 9.11
CA ARG A 124 12.90 -2.16 9.73
C ARG A 124 13.26 -0.71 9.48
N THR A 125 13.44 -0.41 8.19
CA THR A 125 13.81 0.93 7.78
C THR A 125 12.63 1.86 7.93
N GLU A 126 12.93 3.16 7.95
CA GLU A 126 11.89 4.17 7.88
C GLU A 126 10.90 3.86 6.77
N LEU A 127 11.42 3.47 5.60
CA LEU A 127 10.56 3.22 4.44
C LEU A 127 9.66 2.02 4.68
N ALA A 128 10.21 0.92 5.19
CA ALA A 128 9.37 -0.21 5.53
C ALA A 128 8.36 0.16 6.62
N VAL A 129 8.75 1.02 7.56
CA VAL A 129 7.85 1.44 8.61
C VAL A 129 6.82 2.44 8.09
N ARG A 130 7.19 3.29 7.15
CA ARG A 130 6.25 4.24 6.58
C ARG A 130 5.21 3.56 5.71
N TYR A 131 5.61 2.48 5.03
CA TYR A 131 4.77 1.80 4.07
C TYR A 131 4.32 0.43 4.53
N ASN A 132 4.53 0.09 5.80
CA ASN A 132 3.99 -1.14 6.41
C ASN A 132 4.39 -2.41 5.65
N ASP A 133 5.66 -2.49 5.26
CA ASP A 133 6.26 -3.63 4.56
C ASP A 133 5.67 -3.86 3.18
N ILE A 134 4.88 -2.94 2.66
CA ILE A 134 4.15 -3.15 1.41
C ILE A 134 4.88 -2.42 0.32
N SER A 135 5.56 -3.18 -0.55
CA SER A 135 6.36 -2.61 -1.64
C SER A 135 6.98 -1.26 -1.28
N PRO A 136 7.78 -1.17 -0.21
CA PRO A 136 8.17 0.17 0.27
C PRO A 136 8.89 0.99 -0.78
N LEU A 137 9.81 0.41 -1.56
CA LEU A 137 10.54 1.23 -2.53
C LEU A 137 9.60 1.78 -3.59
N GLU A 138 8.79 0.90 -4.19
CA GLU A 138 7.91 1.33 -5.27
C GLU A 138 6.92 2.38 -4.78
N ASN A 139 6.35 2.19 -3.59
CA ASN A 139 5.52 3.25 -3.03
C ASN A 139 6.29 4.54 -2.85
N HIS A 140 7.59 4.44 -2.53
CA HIS A 140 8.39 5.63 -2.37
C HIS A 140 8.65 6.31 -3.71
N HIS A 141 8.82 5.50 -4.76
CA HIS A 141 9.09 6.03 -6.09
C HIS A 141 7.94 6.91 -6.56
N CYS A 142 6.69 6.42 -6.42
CA CYS A 142 5.54 7.21 -6.87
C CYS A 142 5.46 8.51 -6.08
N ALA A 143 5.53 8.40 -4.77
CA ALA A 143 5.38 9.58 -3.94
C ALA A 143 6.37 10.65 -4.38
N VAL A 144 7.58 10.25 -4.75
CA VAL A 144 8.57 11.24 -5.17
C VAL A 144 8.17 11.84 -6.51
N ALA A 145 7.82 10.99 -7.48
CA ALA A 145 7.41 11.46 -8.80
C ALA A 145 6.30 12.50 -8.70
N PHE A 146 5.37 12.30 -7.78
CA PHE A 146 4.31 13.28 -7.66
C PHE A 146 4.65 14.44 -6.72
N GLN A 147 5.60 14.25 -5.82
CA GLN A 147 6.14 15.43 -5.16
C GLN A 147 6.86 16.32 -6.17
N ILE A 148 7.56 15.70 -7.12
CA ILE A 148 8.24 16.46 -8.17
C ILE A 148 7.23 17.22 -9.01
N LEU A 149 6.15 16.54 -9.42
CA LEU A 149 5.12 17.20 -10.22
C LEU A 149 4.29 18.19 -9.41
N ALA A 150 4.30 18.11 -8.08
CA ALA A 150 3.64 19.15 -7.31
C ALA A 150 4.41 20.46 -7.31
N GLU A 151 5.62 20.45 -7.85
CA GLU A 151 6.39 21.67 -7.99
C GLU A 151 6.08 22.30 -9.35
N PRO A 152 5.53 23.50 -9.40
CA PRO A 152 4.90 23.99 -10.64
C PRO A 152 5.80 24.03 -11.86
N GLU A 153 7.09 24.35 -11.70
CA GLU A 153 7.98 24.44 -12.85
C GLU A 153 8.48 23.07 -13.30
N CYS A 154 8.37 22.05 -12.44
CA CYS A 154 8.60 20.66 -12.83
C CYS A 154 7.33 19.98 -13.31
N ASN A 155 6.20 20.69 -13.30
CA ASN A 155 4.88 20.10 -13.52
C ASN A 155 4.58 20.05 -15.01
N ILE A 156 5.09 19.01 -15.69
CA ILE A 156 4.73 18.78 -17.08
C ILE A 156 3.24 18.60 -17.28
N PHE A 157 2.47 18.41 -16.21
CA PHE A 157 1.04 18.22 -16.34
C PHE A 157 0.24 19.50 -16.15
N SER A 158 0.91 20.66 -16.09
CA SER A 158 0.25 21.89 -15.65
C SER A 158 -0.98 22.21 -16.51
N ASN A 159 -0.97 21.83 -17.78
CA ASN A 159 -2.04 22.20 -18.69
C ASN A 159 -2.93 21.01 -19.08
N ILE A 160 -3.06 20.04 -18.18
CA ILE A 160 -3.96 18.90 -18.33
C ILE A 160 -5.11 19.10 -17.35
N PRO A 161 -6.37 18.88 -17.75
CA PRO A 161 -7.50 19.12 -16.83
C PRO A 161 -7.52 18.10 -15.70
N PRO A 162 -8.23 18.37 -14.60
CA PRO A 162 -8.10 17.48 -13.44
C PRO A 162 -8.57 16.05 -13.66
N ASP A 163 -9.66 15.85 -14.42
CA ASP A 163 -10.03 14.49 -14.83
C ASP A 163 -8.84 13.78 -15.45
N GLY A 164 -8.14 14.46 -16.36
CA GLY A 164 -7.01 13.84 -17.01
C GLY A 164 -5.86 13.56 -16.04
N PHE A 165 -5.57 14.52 -15.17
CA PHE A 165 -4.56 14.32 -14.13
C PHE A 165 -4.88 13.06 -13.32
N LYS A 166 -6.07 13.00 -12.71
CA LYS A 166 -6.43 11.84 -11.90
C LYS A 166 -6.23 10.54 -12.66
N GLN A 167 -6.66 10.48 -13.93
CA GLN A 167 -6.49 9.26 -14.70
C GLN A 167 -5.01 8.95 -14.95
N ILE A 168 -4.21 9.97 -15.29
CA ILE A 168 -2.77 9.77 -15.48
C ILE A 168 -2.11 9.35 -14.18
N ARG A 169 -2.47 9.99 -13.06
CA ARG A 169 -1.84 9.68 -11.78
C ARG A 169 -2.16 8.27 -11.33
N GLN A 170 -3.41 7.83 -11.57
CA GLN A 170 -3.77 6.47 -11.22
C GLN A 170 -3.03 5.46 -12.07
N GLY A 171 -2.92 5.72 -13.38
CA GLY A 171 -2.18 4.82 -14.24
C GLY A 171 -0.71 4.75 -13.88
N MET A 172 -0.12 5.89 -13.52
CA MET A 172 1.29 5.87 -13.16
C MET A 172 1.51 5.06 -11.88
N ILE A 173 0.62 5.23 -10.90
CA ILE A 173 0.77 4.50 -9.64
C ILE A 173 0.75 2.99 -9.89
N THR A 174 -0.25 2.51 -10.63
CA THR A 174 -0.32 1.10 -10.98
C THR A 174 0.98 0.60 -11.63
N LEU A 175 1.46 1.35 -12.62
CA LEU A 175 2.62 0.90 -13.38
C LEU A 175 3.87 0.85 -12.52
N ILE A 176 4.11 1.89 -11.72
CA ILE A 176 5.29 1.91 -10.87
C ILE A 176 5.20 0.82 -9.81
N LEU A 177 4.04 0.69 -9.16
CA LEU A 177 3.88 -0.36 -8.16
C LEU A 177 3.96 -1.77 -8.79
N ALA A 178 3.57 -1.92 -10.06
CA ALA A 178 3.67 -3.21 -10.74
C ALA A 178 5.13 -3.65 -11.00
N THR A 179 6.14 -2.79 -10.81
CA THR A 179 7.53 -3.18 -11.07
C THR A 179 8.18 -3.95 -9.94
N ASP A 180 7.59 -3.93 -8.74
CA ASP A 180 7.99 -4.79 -7.62
C ASP A 180 8.02 -6.25 -8.06
N MET A 181 9.22 -6.83 -8.13
CA MET A 181 9.40 -8.17 -8.69
C MET A 181 8.75 -9.26 -7.84
N ALA A 182 8.51 -8.98 -6.56
CA ALA A 182 7.76 -9.95 -5.74
C ALA A 182 6.38 -10.23 -6.30
N ARG A 183 5.84 -9.34 -7.13
CA ARG A 183 4.53 -9.55 -7.75
C ARG A 183 4.62 -10.17 -9.13
N HIS A 184 5.81 -10.63 -9.56
CA HIS A 184 5.98 -11.06 -10.95
C HIS A 184 5.07 -12.24 -11.29
N ALA A 185 5.06 -13.28 -10.47
CA ALA A 185 4.29 -14.47 -10.83
C ALA A 185 2.79 -14.17 -10.79
N GLU A 186 2.37 -13.39 -9.81
CA GLU A 186 0.98 -12.96 -9.72
C GLU A 186 0.58 -12.16 -10.98
N ILE A 187 1.34 -11.10 -11.28
CA ILE A 187 1.02 -10.23 -12.43
C ILE A 187 1.12 -11.02 -13.74
N MET A 188 2.09 -11.92 -13.84
CA MET A 188 2.17 -12.76 -15.04
C MET A 188 0.97 -13.68 -15.16
N ASP A 189 0.57 -14.33 -14.05
CA ASP A 189 -0.58 -15.24 -14.07
C ASP A 189 -1.87 -14.52 -14.46
N SER A 190 -2.13 -13.33 -13.90
CA SER A 190 -3.30 -12.58 -14.31
C SER A 190 -3.27 -12.34 -15.81
N PHE A 191 -2.09 -12.02 -16.35
CA PHE A 191 -1.95 -11.66 -17.76
C PHE A 191 -2.27 -12.84 -18.67
N LYS A 192 -1.52 -13.94 -18.52
CA LYS A 192 -1.71 -15.08 -19.41
C LYS A 192 -3.15 -15.59 -19.37
N GLU A 193 -3.73 -15.63 -18.18
CA GLU A 193 -5.16 -15.91 -18.05
C GLU A 193 -5.99 -15.07 -19.02
N LYS A 194 -5.68 -13.79 -19.12
CA LYS A 194 -6.40 -12.96 -20.08
C LYS A 194 -5.90 -13.17 -21.51
N MET A 195 -4.80 -13.90 -21.71
CA MET A 195 -4.28 -14.11 -23.06
C MET A 195 -5.11 -15.10 -23.87
N GLU A 196 -5.75 -16.07 -23.20
CA GLU A 196 -6.67 -16.98 -23.88
C GLU A 196 -7.69 -16.23 -24.73
N ASN A 197 -7.98 -14.96 -24.39
CA ASN A 197 -8.91 -14.12 -25.14
C ASN A 197 -8.62 -12.64 -24.88
N PHE A 198 -7.49 -12.13 -25.37
CA PHE A 198 -7.12 -10.76 -25.06
C PHE A 198 -7.96 -9.78 -25.88
N ASP A 199 -8.48 -8.76 -25.20
CA ASP A 199 -9.39 -7.78 -25.78
C ASP A 199 -8.81 -6.38 -25.57
N TYR A 200 -8.46 -5.70 -26.67
CA TYR A 200 -7.90 -4.34 -26.56
C TYR A 200 -8.89 -3.33 -26.01
N SER A 201 -10.19 -3.67 -26.00
CA SER A 201 -11.24 -2.78 -25.54
C SER A 201 -11.64 -3.05 -24.10
N ASN A 202 -11.01 -4.03 -23.46
CA ASN A 202 -11.22 -4.33 -22.05
C ASN A 202 -10.22 -3.52 -21.23
N GLU A 203 -10.75 -2.62 -20.37
CA GLU A 203 -9.88 -1.76 -19.58
C GLU A 203 -8.92 -2.57 -18.75
N GLU A 204 -9.45 -3.55 -18.00
CA GLU A 204 -8.59 -4.42 -17.23
C GLU A 204 -7.49 -5.01 -18.10
N HIS A 205 -7.83 -5.38 -19.34
CA HIS A 205 -6.84 -5.99 -20.22
C HIS A 205 -5.76 -4.99 -20.63
N MET A 206 -6.18 -3.76 -20.96
CA MET A 206 -5.19 -2.76 -21.28
C MET A 206 -4.33 -2.44 -20.07
N THR A 207 -4.95 -2.31 -18.91
CA THR A 207 -4.20 -2.05 -17.68
C THR A 207 -3.21 -3.18 -17.40
N LEU A 208 -3.59 -4.43 -17.68
CA LEU A 208 -2.64 -5.51 -17.46
C LEU A 208 -1.54 -5.54 -18.52
N LEU A 209 -1.85 -5.13 -19.76
CA LEU A 209 -0.83 -5.16 -20.79
C LEU A 209 0.23 -4.09 -20.55
N LYS A 210 -0.19 -2.93 -20.04
CA LYS A 210 0.76 -1.88 -19.67
C LYS A 210 1.63 -2.33 -18.50
N MET A 211 1.06 -3.00 -17.51
CA MET A 211 1.87 -3.47 -16.40
C MET A 211 2.98 -4.38 -16.89
N ILE A 212 2.66 -5.28 -17.83
CA ILE A 212 3.66 -6.16 -18.39
C ILE A 212 4.67 -5.39 -19.24
N LEU A 213 4.19 -4.33 -19.91
CA LEU A 213 5.05 -3.56 -20.81
C LEU A 213 6.17 -2.86 -20.03
N ILE A 214 5.83 -2.20 -18.92
CA ILE A 214 6.84 -1.57 -18.08
C ILE A 214 7.66 -2.62 -17.34
N LYS A 215 7.03 -3.76 -17.01
CA LYS A 215 7.80 -4.85 -16.44
C LYS A 215 8.85 -5.34 -17.43
N CYS A 216 8.48 -5.46 -18.71
CA CYS A 216 9.44 -5.89 -19.73
C CYS A 216 10.61 -4.94 -19.85
N CYS A 217 10.34 -3.62 -19.84
CA CYS A 217 11.41 -2.64 -20.04
C CYS A 217 12.36 -2.63 -18.86
N ASP A 218 11.80 -2.66 -17.66
CA ASP A 218 12.56 -2.65 -16.42
C ASP A 218 13.71 -3.66 -16.41
N ILE A 219 13.48 -4.84 -16.96
CA ILE A 219 14.46 -5.89 -16.75
C ILE A 219 14.97 -6.38 -18.10
N SER A 220 15.00 -5.49 -19.10
CA SER A 220 15.29 -5.86 -20.48
C SER A 220 16.74 -5.64 -20.88
N ASN A 221 17.66 -5.54 -19.92
CA ASN A 221 19.05 -5.27 -20.28
C ASN A 221 19.63 -6.35 -21.19
N GLU A 222 19.26 -7.61 -20.95
CA GLU A 222 19.80 -8.67 -21.80
C GLU A 222 19.13 -8.74 -23.19
N VAL A 223 18.18 -7.84 -23.50
CA VAL A 223 17.70 -7.73 -24.87
C VAL A 223 18.69 -6.94 -25.70
N ARG A 224 19.37 -5.98 -25.08
CA ARG A 224 20.35 -5.16 -25.75
C ARG A 224 21.54 -6.02 -26.20
N PRO A 225 22.36 -5.52 -27.12
CA PRO A 225 23.46 -6.33 -27.66
C PRO A 225 24.42 -6.70 -26.55
N MET A 226 24.92 -7.94 -26.59
CA MET A 226 25.87 -8.44 -25.59
C MET A 226 26.84 -7.33 -25.15
N GLU A 227 27.31 -6.54 -26.11
CA GLU A 227 28.17 -5.39 -25.82
C GLU A 227 27.52 -4.46 -24.80
N VAL A 228 26.26 -4.10 -25.02
CA VAL A 228 25.62 -3.14 -24.14
C VAL A 228 25.14 -3.81 -22.86
N ALA A 229 24.69 -5.06 -22.98
CA ALA A 229 24.04 -5.73 -21.85
C ALA A 229 25.03 -6.07 -20.74
N GLU A 230 26.26 -6.45 -21.10
CA GLU A 230 27.16 -7.13 -20.15
C GLU A 230 27.61 -6.31 -18.95
N PRO A 231 27.99 -5.03 -19.12
CA PRO A 231 28.40 -4.23 -17.94
C PRO A 231 27.27 -3.97 -16.97
N TRP A 232 26.01 -4.12 -17.40
CA TRP A 232 24.89 -3.89 -16.49
C TRP A 232 24.84 -4.95 -15.39
N VAL A 233 25.10 -6.22 -15.76
CA VAL A 233 25.17 -7.30 -14.79
C VAL A 233 26.26 -7.02 -13.76
N ASP A 234 27.40 -6.47 -14.20
CA ASP A 234 28.47 -6.09 -13.28
C ASP A 234 27.96 -5.06 -12.28
N CYS A 235 27.40 -3.97 -12.77
CA CYS A 235 26.78 -2.98 -11.91
C CYS A 235 25.72 -3.58 -10.98
N LEU A 236 24.93 -4.54 -11.47
CA LEU A 236 23.90 -5.13 -10.61
C LEU A 236 24.52 -5.90 -9.45
N LEU A 237 25.56 -6.69 -9.72
CA LEU A 237 26.20 -7.47 -8.66
C LEU A 237 26.88 -6.58 -7.64
N GLU A 238 27.39 -5.44 -8.07
CA GLU A 238 28.06 -4.51 -7.17
C GLU A 238 27.11 -4.13 -6.04
N GLU A 239 26.08 -3.39 -6.45
CA GLU A 239 24.93 -3.09 -5.61
C GLU A 239 24.50 -4.29 -4.77
N TYR A 240 24.32 -5.45 -5.39
CA TYR A 240 23.85 -6.62 -4.67
C TYR A 240 24.82 -7.08 -3.60
N PHE A 241 26.12 -7.03 -3.91
CA PHE A 241 27.09 -7.38 -2.88
C PHE A 241 27.12 -6.30 -1.81
N MET A 242 26.92 -5.04 -2.21
CA MET A 242 26.85 -3.92 -1.28
C MET A 242 25.77 -4.12 -0.21
N GLN A 243 24.67 -4.75 -0.61
CA GLN A 243 23.60 -5.08 0.34
C GLN A 243 23.95 -6.28 1.20
N SER A 244 24.40 -7.37 0.58
CA SER A 244 24.65 -8.60 1.32
C SER A 244 25.82 -8.44 2.29
N ASP A 245 26.77 -7.54 2.00
CA ASP A 245 27.80 -7.17 2.96
C ASP A 245 27.18 -6.53 4.20
N ARG A 246 26.32 -5.54 3.97
CA ARG A 246 25.55 -4.92 5.06
C ARG A 246 24.75 -5.98 5.82
N GLU A 247 24.02 -6.82 5.11
CA GLU A 247 23.14 -7.77 5.77
C GLU A 247 23.88 -8.69 6.75
N LYS A 248 25.21 -8.64 6.77
CA LYS A 248 26.00 -9.52 7.62
C LYS A 248 26.75 -8.79 8.72
N SER A 249 27.08 -7.50 8.56
CA SER A 249 27.44 -6.66 9.70
C SER A 249 26.21 -6.44 10.56
N GLU A 250 25.07 -6.99 10.14
CA GLU A 250 23.79 -6.79 10.79
C GLU A 250 23.08 -8.09 11.17
N GLY A 251 23.54 -9.24 10.71
CA GLY A 251 22.86 -10.47 11.06
C GLY A 251 21.52 -10.69 10.39
N LEU A 252 21.13 -9.82 9.40
CA LEU A 252 19.90 -10.00 8.65
C LEU A 252 20.07 -11.12 7.65
N PRO A 253 18.97 -11.78 7.26
CA PRO A 253 19.08 -12.86 6.27
C PRO A 253 19.74 -12.37 4.98
N VAL A 254 20.41 -13.28 4.27
CA VAL A 254 21.15 -12.92 3.06
C VAL A 254 20.59 -13.73 1.90
N ALA A 255 20.21 -13.03 0.85
CA ALA A 255 19.62 -13.68 -0.30
C ALA A 255 20.71 -14.40 -1.09
N PRO A 256 20.53 -15.68 -1.38
CA PRO A 256 21.53 -16.42 -2.17
C PRO A 256 21.95 -15.76 -3.48
N PHE A 257 21.06 -15.00 -4.14
CA PHE A 257 21.50 -14.39 -5.40
C PHE A 257 22.32 -13.13 -5.18
N MET A 258 22.55 -12.72 -3.94
CA MET A 258 23.48 -11.64 -3.64
C MET A 258 24.68 -12.12 -2.84
N ASP A 259 24.86 -13.43 -2.70
CA ASP A 259 25.84 -14.02 -1.80
C ASP A 259 27.14 -14.23 -2.57
N ARG A 260 28.16 -13.44 -2.22
CA ARG A 260 29.46 -13.53 -2.88
C ARG A 260 29.93 -14.97 -3.00
N ASP A 261 29.64 -15.80 -1.99
CA ASP A 261 30.14 -17.16 -2.04
C ASP A 261 29.37 -18.05 -3.02
N LYS A 262 28.27 -17.57 -3.62
CA LYS A 262 27.41 -18.44 -4.42
C LYS A 262 26.97 -17.80 -5.74
N VAL A 263 27.51 -16.64 -6.10
CA VAL A 263 26.94 -15.83 -7.16
C VAL A 263 28.03 -15.49 -8.17
N THR A 264 27.88 -16.00 -9.40
CA THR A 264 28.71 -15.60 -10.53
C THR A 264 27.85 -14.85 -11.54
N LYS A 265 28.51 -14.08 -12.42
CA LYS A 265 27.80 -13.39 -13.51
C LYS A 265 27.01 -14.38 -14.36
N ALA A 266 27.58 -15.54 -14.67
CA ALA A 266 26.84 -16.54 -15.42
C ALA A 266 25.55 -16.95 -14.70
N THR A 267 25.68 -17.40 -13.45
CA THR A 267 24.52 -17.96 -12.75
C THR A 267 23.54 -16.88 -12.28
N ALA A 268 23.93 -15.60 -12.31
CA ALA A 268 22.99 -14.52 -12.05
C ALA A 268 22.03 -14.30 -13.22
N GLN A 269 22.43 -14.67 -14.43
CA GLN A 269 21.68 -14.42 -15.67
C GLN A 269 21.01 -15.67 -16.22
N ILE A 270 21.69 -16.82 -16.17
CA ILE A 270 21.18 -18.05 -16.77
C ILE A 270 19.76 -18.31 -16.32
N GLY A 271 19.53 -18.32 -15.01
CA GLY A 271 18.17 -18.47 -14.53
C GLY A 271 17.27 -17.33 -14.97
N PHE A 272 17.70 -16.09 -14.71
CA PHE A 272 16.85 -14.93 -14.93
C PHE A 272 16.41 -14.83 -16.38
N ILE A 273 17.27 -15.17 -17.32
CA ILE A 273 16.85 -15.15 -18.72
C ILE A 273 15.87 -16.28 -18.98
N LYS A 274 16.28 -17.50 -18.68
CA LYS A 274 15.45 -18.67 -18.97
C LYS A 274 14.05 -18.52 -18.38
N PHE A 275 13.93 -18.27 -17.07
CA PHE A 275 12.63 -18.40 -16.40
C PHE A 275 11.85 -17.11 -16.20
N VAL A 276 12.50 -15.94 -16.22
CA VAL A 276 11.81 -14.65 -16.04
C VAL A 276 11.65 -13.91 -17.38
N LEU A 277 12.77 -13.62 -18.05
CA LEU A 277 12.74 -12.80 -19.26
C LEU A 277 12.17 -13.53 -20.48
N ILE A 278 12.36 -14.83 -20.62
CA ILE A 278 11.93 -15.45 -21.86
C ILE A 278 10.43 -15.74 -21.82
N PRO A 279 9.90 -16.51 -20.87
CA PRO A 279 8.43 -16.65 -20.77
C PRO A 279 7.69 -15.32 -20.82
N MET A 280 8.20 -14.28 -20.18
CA MET A 280 7.48 -13.01 -20.22
C MET A 280 7.39 -12.50 -21.65
N PHE A 281 8.53 -12.35 -22.32
CA PHE A 281 8.49 -11.89 -23.71
C PHE A 281 7.78 -12.88 -24.63
N GLU A 282 7.75 -14.18 -24.28
CA GLU A 282 7.01 -15.15 -25.07
C GLU A 282 5.52 -14.81 -25.12
N THR A 283 4.87 -14.76 -23.95
CA THR A 283 3.45 -14.45 -23.96
C THR A 283 3.18 -13.04 -24.46
N VAL A 284 4.16 -12.14 -24.39
CA VAL A 284 4.01 -10.84 -25.05
C VAL A 284 4.06 -10.99 -26.57
N THR A 285 4.93 -11.89 -27.05
CA THR A 285 5.02 -12.13 -28.49
C THR A 285 3.69 -12.63 -29.05
N LYS A 286 2.91 -13.32 -28.22
CA LYS A 286 1.57 -13.75 -28.59
C LYS A 286 0.64 -12.60 -28.94
N LEU A 287 1.00 -11.35 -28.65
CA LEU A 287 0.26 -10.20 -29.14
C LEU A 287 0.99 -9.44 -30.22
N PHE A 288 2.33 -9.45 -30.17
CA PHE A 288 3.18 -8.77 -31.14
C PHE A 288 4.18 -9.81 -31.61
N PRO A 289 3.90 -10.48 -32.72
CA PRO A 289 4.85 -11.48 -33.22
C PRO A 289 6.23 -10.92 -33.53
N MET A 290 6.30 -9.68 -34.02
CA MET A 290 7.58 -9.08 -34.38
C MET A 290 8.48 -8.84 -33.18
N VAL A 291 7.99 -9.10 -31.97
CA VAL A 291 8.84 -9.10 -30.78
C VAL A 291 9.79 -10.29 -30.83
N GLU A 292 9.36 -11.40 -31.44
CA GLU A 292 10.16 -12.62 -31.43
C GLU A 292 11.55 -12.40 -32.06
N GLU A 293 11.61 -11.66 -33.17
CA GLU A 293 12.89 -11.46 -33.84
C GLU A 293 13.78 -10.48 -33.09
N ILE A 294 13.23 -9.35 -32.62
CA ILE A 294 14.04 -8.23 -32.16
C ILE A 294 14.40 -8.32 -30.68
N MET A 295 13.75 -9.19 -29.91
CA MET A 295 14.01 -9.23 -28.47
C MET A 295 14.12 -10.66 -27.97
N LEU A 296 13.13 -11.48 -28.27
CA LEU A 296 13.23 -12.87 -27.91
C LEU A 296 14.46 -13.54 -28.53
N GLN A 297 15.02 -12.97 -29.62
CA GLN A 297 16.21 -13.58 -30.19
C GLN A 297 17.43 -13.27 -29.34
N PRO A 298 17.81 -11.99 -29.11
CA PRO A 298 18.97 -11.74 -28.23
C PRO A 298 18.86 -12.46 -26.89
N LEU A 299 17.65 -12.74 -26.41
CA LEU A 299 17.52 -13.50 -25.18
C LEU A 299 17.92 -14.96 -25.34
N TRP A 300 17.87 -15.51 -26.55
CA TRP A 300 18.34 -16.88 -26.72
C TRP A 300 19.84 -16.93 -26.89
N GLU A 301 20.40 -15.93 -27.55
CA GLU A 301 21.85 -15.92 -27.71
C GLU A 301 22.54 -15.52 -26.40
N SER A 302 21.88 -14.67 -25.61
CA SER A 302 22.40 -14.31 -24.29
C SER A 302 22.41 -15.51 -23.35
N ARG A 303 21.27 -16.21 -23.25
CA ARG A 303 21.21 -17.43 -22.46
C ARG A 303 22.27 -18.43 -22.89
N ASP A 304 22.51 -18.53 -24.19
CA ASP A 304 23.44 -19.52 -24.69
C ASP A 304 24.89 -19.14 -24.42
N ARG A 305 25.21 -17.85 -24.53
CA ARG A 305 26.55 -17.41 -24.17
C ARG A 305 26.82 -17.65 -22.69
N TYR A 306 25.89 -17.25 -21.83
CA TYR A 306 26.12 -17.33 -20.40
C TYR A 306 26.20 -18.76 -19.91
N GLU A 307 25.55 -19.70 -20.57
CA GLU A 307 25.77 -21.10 -20.19
C GLU A 307 27.20 -21.54 -20.52
N GLU A 308 27.74 -21.06 -21.66
CA GLU A 308 29.14 -21.35 -21.99
C GLU A 308 30.08 -20.78 -20.95
N LEU A 309 29.86 -19.51 -20.57
CA LEU A 309 30.67 -18.89 -19.53
C LEU A 309 30.61 -19.67 -18.20
N LYS A 310 29.45 -20.24 -17.87
CA LYS A 310 29.36 -20.99 -16.63
C LYS A 310 30.26 -22.22 -16.67
N ARG A 311 30.33 -22.90 -17.81
CA ARG A 311 31.16 -24.09 -17.84
C ARG A 311 32.65 -23.73 -17.76
N ILE A 312 33.06 -22.59 -18.31
CA ILE A 312 34.45 -22.18 -18.15
C ILE A 312 34.69 -21.79 -16.69
N ASP A 313 33.77 -21.01 -16.10
CA ASP A 313 33.89 -20.61 -14.70
C ASP A 313 34.08 -21.81 -13.81
N ASP A 314 33.22 -22.82 -14.00
CA ASP A 314 33.29 -24.03 -13.20
C ASP A 314 34.64 -24.72 -13.37
N ALA A 315 35.10 -24.88 -14.62
CA ALA A 315 36.45 -25.41 -14.84
C ALA A 315 37.46 -24.71 -13.95
N MET A 316 37.40 -23.38 -13.94
CA MET A 316 38.35 -22.63 -13.15
C MET A 316 38.16 -22.88 -11.65
N LYS A 317 36.94 -23.20 -11.22
CA LYS A 317 36.66 -23.40 -9.81
C LYS A 317 37.14 -24.76 -9.29
N GLU A 318 37.41 -25.72 -10.18
CA GLU A 318 38.17 -26.89 -9.78
C GLU A 318 39.51 -26.47 -9.22
N LEU A 319 40.16 -25.51 -9.88
CA LEU A 319 41.59 -25.26 -9.70
C LEU A 319 41.91 -24.61 -8.37
N GLN A 320 41.02 -23.75 -7.86
CA GLN A 320 41.08 -23.32 -6.48
C GLN A 320 40.13 -24.19 -5.65
N LYS A 321 39.83 -23.76 -4.43
CA LYS A 321 39.12 -24.60 -3.49
C LYS A 321 39.88 -25.92 -3.37
N LYS A 322 40.86 -25.94 -2.46
CA LYS A 322 41.79 -27.07 -2.34
C LYS A 322 41.48 -27.97 -1.12
N TYR B 2 -7.30 7.13 39.86
CA TYR B 2 -7.13 6.25 38.69
C TYR B 2 -6.75 4.81 39.07
N LEU B 3 -6.97 4.45 40.33
CA LEU B 3 -7.04 3.06 40.72
C LEU B 3 -8.44 2.57 40.41
N LEU B 4 -8.53 1.39 39.83
CA LEU B 4 -9.82 0.90 39.37
C LEU B 4 -10.53 0.17 40.48
N SER B 5 -11.77 0.51 40.70
CA SER B 5 -12.59 -0.18 41.67
C SER B 5 -13.05 -1.53 41.12
N PRO B 6 -13.23 -2.53 41.99
CA PRO B 6 -13.68 -3.84 41.50
C PRO B 6 -15.04 -3.81 40.85
N GLU B 7 -15.82 -2.77 41.09
CA GLU B 7 -17.08 -2.60 40.37
C GLU B 7 -16.78 -2.27 38.91
N THR B 8 -15.82 -1.36 38.69
CA THR B 8 -15.43 -0.94 37.35
C THR B 8 -14.83 -2.09 36.57
N ILE B 9 -13.95 -2.88 37.20
CA ILE B 9 -13.36 -4.05 36.55
C ILE B 9 -14.45 -4.93 35.95
N GLU B 10 -15.58 -5.05 36.64
CA GLU B 10 -16.66 -5.91 36.19
C GLU B 10 -17.44 -5.27 35.03
N ALA B 11 -17.74 -3.98 35.14
CA ALA B 11 -18.49 -3.29 34.09
C ALA B 11 -17.68 -3.21 32.80
N LEU B 12 -16.34 -3.22 32.91
CA LEU B 12 -15.43 -3.05 31.78
C LEU B 12 -15.56 -4.14 30.73
N ARG B 13 -16.12 -5.29 31.09
CA ARG B 13 -16.18 -6.44 30.20
C ARG B 13 -17.49 -6.50 29.42
N LYS B 14 -18.31 -5.48 29.50
CA LYS B 14 -19.61 -5.51 28.85
C LYS B 14 -19.80 -4.29 27.97
N PRO B 15 -20.51 -4.43 26.84
CA PRO B 15 -20.66 -3.29 25.92
C PRO B 15 -21.49 -2.17 26.47
N THR B 16 -22.16 -2.40 27.60
CA THR B 16 -22.94 -1.41 28.31
C THR B 16 -22.07 -0.44 29.08
N PHE B 17 -20.78 -0.72 29.19
CA PHE B 17 -19.86 0.20 29.86
C PHE B 17 -20.02 1.59 29.30
N ASP B 18 -20.40 2.52 30.19
CA ASP B 18 -20.53 3.94 29.85
C ASP B 18 -19.13 4.51 29.66
N VAL B 19 -18.78 4.81 28.41
CA VAL B 19 -17.44 5.27 28.09
C VAL B 19 -17.23 6.74 28.41
N TRP B 20 -18.24 7.43 28.92
CA TRP B 20 -18.15 8.88 29.05
C TRP B 20 -17.79 9.36 30.45
N LEU B 21 -17.77 8.47 31.43
CA LEU B 21 -17.53 8.92 32.80
C LEU B 21 -16.06 9.27 33.03
N TRP B 22 -15.15 8.56 32.39
CA TRP B 22 -13.73 8.56 32.75
C TRP B 22 -12.95 9.58 31.95
N GLU B 23 -11.90 10.06 32.55
CA GLU B 23 -10.99 10.98 31.89
C GLU B 23 -9.75 10.23 31.43
N PRO B 24 -8.94 10.82 30.51
CA PRO B 24 -7.82 10.08 29.91
C PRO B 24 -7.00 9.23 30.89
N ASN B 25 -6.94 9.67 32.15
CA ASN B 25 -6.23 8.92 33.17
C ASN B 25 -6.81 7.53 33.35
N GLU B 26 -8.12 7.45 33.59
CA GLU B 26 -8.72 6.20 33.97
C GLU B 26 -8.95 5.31 32.77
N MET B 27 -9.22 5.90 31.61
CA MET B 27 -9.23 5.10 30.38
C MET B 27 -7.89 4.42 30.19
N LEU B 28 -6.79 5.18 30.35
CA LEU B 28 -5.47 4.58 30.32
C LEU B 28 -5.38 3.41 31.30
N SER B 29 -5.89 3.58 32.53
CA SER B 29 -5.88 2.49 33.51
C SER B 29 -6.70 1.29 33.04
N CYS B 30 -7.91 1.56 32.54
CA CYS B 30 -8.76 0.49 32.02
C CYS B 30 -8.04 -0.29 30.90
N LEU B 31 -7.45 0.43 29.95
CA LEU B 31 -6.68 -0.26 28.91
C LEU B 31 -5.60 -1.15 29.53
N GLU B 32 -4.87 -0.61 30.50
CA GLU B 32 -3.83 -1.39 31.18
C GLU B 32 -4.39 -2.67 31.79
N HIS B 33 -5.55 -2.60 32.47
CA HIS B 33 -6.09 -3.79 33.13
C HIS B 33 -6.33 -4.91 32.12
N MET B 34 -6.78 -4.56 30.91
CA MET B 34 -7.11 -5.58 29.92
C MET B 34 -5.87 -6.34 29.46
N TYR B 35 -4.70 -5.70 29.40
CA TYR B 35 -3.51 -6.45 29.01
C TYR B 35 -3.09 -7.44 30.10
N HIS B 36 -3.20 -7.05 31.37
CA HIS B 36 -2.99 -7.99 32.47
C HIS B 36 -4.07 -9.08 32.46
N ASP B 37 -5.34 -8.67 32.46
CA ASP B 37 -6.47 -9.58 32.63
C ASP B 37 -6.58 -10.63 31.53
N LEU B 38 -6.02 -10.37 30.34
CA LEU B 38 -6.13 -11.25 29.19
C LEU B 38 -4.93 -12.18 29.05
N GLY B 39 -3.91 -12.01 29.87
CA GLY B 39 -2.74 -12.84 29.76
C GLY B 39 -1.69 -12.34 28.81
N LEU B 40 -1.76 -11.08 28.41
CA LEU B 40 -0.83 -10.54 27.42
C LEU B 40 0.44 -10.04 28.09
N VAL B 41 0.30 -9.24 29.15
CA VAL B 41 1.42 -8.95 30.03
C VAL B 41 2.14 -10.25 30.41
N ARG B 42 1.37 -11.25 30.81
CA ARG B 42 1.95 -12.49 31.31
C ARG B 42 2.66 -13.29 30.21
N ASP B 43 1.99 -13.50 29.07
CA ASP B 43 2.48 -14.46 28.09
C ASP B 43 3.45 -13.90 27.07
N PHE B 44 3.63 -12.59 27.03
CA PHE B 44 4.60 -11.99 26.13
C PHE B 44 5.65 -11.22 26.90
N SER B 45 5.72 -11.44 28.22
CA SER B 45 6.75 -10.86 29.07
C SER B 45 6.80 -9.34 28.87
N ILE B 46 5.61 -8.76 28.71
CA ILE B 46 5.52 -7.33 28.53
C ILE B 46 5.91 -6.66 29.85
N ASN B 47 6.95 -5.85 29.82
CA ASN B 47 7.31 -5.07 30.99
C ASN B 47 6.09 -4.25 31.40
N PRO B 48 5.72 -4.26 32.67
CA PRO B 48 4.57 -3.46 33.11
C PRO B 48 4.81 -1.94 33.07
N VAL B 49 6.05 -1.48 33.20
CA VAL B 49 6.24 -0.03 33.14
C VAL B 49 6.26 0.43 31.70
N THR B 50 6.86 -0.37 30.82
CA THR B 50 6.71 -0.18 29.38
C THR B 50 5.25 0.00 29.02
N LEU B 51 4.41 -0.97 29.39
CA LEU B 51 3.00 -0.91 29.05
C LEU B 51 2.33 0.35 29.55
N ARG B 52 2.89 1.01 30.55
CA ARG B 52 2.29 2.28 30.95
C ARG B 52 2.77 3.44 30.08
N ARG B 53 4.04 3.44 29.71
CA ARG B 53 4.54 4.52 28.86
C ARG B 53 3.93 4.44 27.47
N TRP B 54 3.96 3.25 26.87
CA TRP B 54 3.36 3.04 25.57
C TRP B 54 1.93 3.56 25.52
N LEU B 55 1.11 3.25 26.53
CA LEU B 55 -0.27 3.73 26.51
C LEU B 55 -0.31 5.26 26.51
N PHE B 56 0.52 5.90 27.32
CA PHE B 56 0.60 7.36 27.26
C PHE B 56 1.31 7.82 25.99
N CYS B 57 2.23 6.98 25.46
CA CYS B 57 2.86 7.21 24.17
C CYS B 57 1.82 7.25 23.07
N VAL B 58 0.89 6.30 23.09
CA VAL B 58 -0.24 6.27 22.18
C VAL B 58 -1.17 7.46 22.43
N HIS B 59 -1.48 7.75 23.70
CA HIS B 59 -2.44 8.80 23.99
C HIS B 59 -1.99 10.15 23.46
N ASP B 60 -0.69 10.43 23.52
CA ASP B 60 -0.22 11.71 22.98
C ASP B 60 -0.54 11.83 21.50
N ASN B 61 -0.43 10.73 20.75
CA ASN B 61 -0.51 10.77 19.29
C ASN B 61 -1.94 10.63 18.74
N TYR B 62 -2.98 10.81 19.56
CA TYR B 62 -4.34 11.03 19.07
C TYR B 62 -4.67 12.51 19.19
N ARG B 63 -5.26 13.09 18.15
CA ARG B 63 -5.58 14.51 18.16
C ARG B 63 -6.94 14.75 18.79
N ASN B 64 -7.24 16.03 19.03
CA ASN B 64 -8.50 16.44 19.64
C ASN B 64 -9.52 16.78 18.55
N ASN B 65 -9.98 15.78 17.93
CA ASN B 65 -11.06 15.84 16.96
C ASN B 65 -12.39 15.60 17.65
N PRO B 66 -13.48 16.17 17.13
CA PRO B 66 -14.80 15.81 17.65
C PRO B 66 -15.03 14.31 17.85
N PHE B 67 -14.57 13.47 16.92
CA PHE B 67 -14.94 12.05 16.94
C PHE B 67 -13.72 11.14 16.95
N HIS B 68 -12.84 11.25 15.97
CA HIS B 68 -11.66 10.39 15.92
C HIS B 68 -10.60 10.96 16.88
N ASN B 69 -10.77 10.60 18.16
CA ASN B 69 -9.94 11.07 19.27
C ASN B 69 -9.61 9.91 20.18
N PHE B 70 -8.91 10.20 21.28
CA PHE B 70 -8.54 9.10 22.17
C PHE B 70 -9.75 8.38 22.76
N ARG B 71 -10.86 9.09 22.97
CA ARG B 71 -12.00 8.41 23.56
C ARG B 71 -12.60 7.42 22.58
N HIS B 72 -12.58 7.76 21.29
CA HIS B 72 -12.98 6.79 20.26
C HIS B 72 -12.11 5.54 20.30
N CYS B 73 -10.79 5.69 20.53
CA CYS B 73 -9.95 4.50 20.56
C CYS B 73 -10.18 3.70 21.83
N PHE B 74 -10.64 4.36 22.90
CA PHE B 74 -10.98 3.59 24.09
C PHE B 74 -12.20 2.70 23.81
N CYS B 75 -13.23 3.27 23.17
CA CYS B 75 -14.43 2.50 22.81
C CYS B 75 -14.09 1.28 21.95
N VAL B 76 -13.20 1.45 20.98
CA VAL B 76 -12.94 0.38 20.03
C VAL B 76 -12.18 -0.75 20.71
N ALA B 77 -11.16 -0.40 21.49
CA ALA B 77 -10.48 -1.43 22.28
C ALA B 77 -11.41 -2.04 23.32
N GLN B 78 -12.27 -1.23 23.96
CA GLN B 78 -13.14 -1.75 25.01
C GLN B 78 -14.21 -2.69 24.46
N MET B 79 -14.71 -2.41 23.26
CA MET B 79 -15.66 -3.32 22.62
C MET B 79 -14.98 -4.62 22.19
N MET B 80 -13.72 -4.55 21.77
CA MET B 80 -12.97 -5.75 21.47
C MET B 80 -12.84 -6.62 22.71
N TYR B 81 -12.29 -6.03 23.78
CA TYR B 81 -12.28 -6.62 25.11
C TYR B 81 -13.59 -7.28 25.50
N SER B 82 -14.70 -6.53 25.41
CA SER B 82 -16.04 -7.13 25.59
C SER B 82 -16.19 -8.41 24.78
N MET B 83 -15.88 -8.33 23.47
CA MET B 83 -16.15 -9.47 22.58
C MET B 83 -15.29 -10.68 22.88
N VAL B 84 -14.07 -10.47 23.42
CA VAL B 84 -13.21 -11.59 23.80
C VAL B 84 -13.88 -12.45 24.85
N TRP B 85 -14.61 -11.81 25.76
CA TRP B 85 -15.31 -12.51 26.82
C TRP B 85 -16.67 -13.01 26.36
N LEU B 86 -17.40 -12.20 25.60
CA LEU B 86 -18.72 -12.60 25.13
C LEU B 86 -18.65 -13.81 24.21
N CYS B 87 -17.73 -13.79 23.25
CA CYS B 87 -17.62 -14.88 22.30
C CYS B 87 -16.52 -15.85 22.69
N SER B 88 -15.93 -15.66 23.86
CA SER B 88 -14.97 -16.60 24.44
C SER B 88 -13.80 -16.87 23.49
N LEU B 89 -13.34 -15.79 22.83
CA LEU B 89 -12.31 -15.92 21.82
C LEU B 89 -10.98 -16.38 22.40
N GLN B 90 -10.86 -16.44 23.72
CA GLN B 90 -9.70 -17.11 24.28
C GLN B 90 -9.73 -18.59 23.95
N GLU B 91 -10.93 -19.16 23.79
CA GLU B 91 -11.06 -20.55 23.35
C GLU B 91 -10.79 -20.72 21.87
N LYS B 92 -11.07 -19.70 21.06
CA LYS B 92 -10.87 -19.80 19.62
C LYS B 92 -9.51 -19.29 19.13
N PHE B 93 -8.89 -18.34 19.82
CA PHE B 93 -7.69 -17.69 19.29
C PHE B 93 -6.50 -17.84 20.22
N SER B 94 -5.30 -17.83 19.62
CA SER B 94 -4.05 -17.85 20.35
C SER B 94 -3.80 -16.48 20.99
N GLN B 95 -2.89 -16.47 21.97
CA GLN B 95 -2.67 -15.23 22.68
C GLN B 95 -1.93 -14.22 21.82
N THR B 96 -1.36 -14.66 20.70
CA THR B 96 -0.85 -13.71 19.72
C THR B 96 -1.97 -13.05 18.93
N ASP B 97 -3.00 -13.83 18.57
CA ASP B 97 -4.19 -13.26 17.93
C ASP B 97 -4.91 -12.30 18.86
N ILE B 98 -4.98 -12.63 20.14
CA ILE B 98 -5.58 -11.71 21.11
C ILE B 98 -4.74 -10.46 21.20
N LEU B 99 -3.41 -10.63 21.14
CA LEU B 99 -2.51 -9.48 21.16
C LEU B 99 -2.67 -8.63 19.91
N ILE B 100 -2.88 -9.27 18.75
CA ILE B 100 -3.05 -8.49 17.53
C ILE B 100 -4.36 -7.71 17.58
N LEU B 101 -5.47 -8.40 17.85
CA LEU B 101 -6.77 -7.72 17.91
C LEU B 101 -6.75 -6.57 18.91
N MET B 102 -6.16 -6.79 20.09
CA MET B 102 -6.20 -5.77 21.13
C MET B 102 -5.33 -4.57 20.77
N THR B 103 -4.07 -4.82 20.40
CA THR B 103 -3.19 -3.71 20.09
C THR B 103 -3.67 -2.96 18.85
N ALA B 104 -4.23 -3.68 17.86
CA ALA B 104 -4.67 -3.01 16.64
C ALA B 104 -5.84 -2.07 16.91
N ALA B 105 -6.75 -2.46 17.80
CA ALA B 105 -7.82 -1.56 18.18
C ALA B 105 -7.26 -0.28 18.79
N ILE B 106 -6.26 -0.39 19.66
CA ILE B 106 -5.78 0.79 20.36
C ILE B 106 -5.13 1.76 19.39
N CYS B 107 -4.48 1.23 18.35
CA CYS B 107 -3.69 2.03 17.42
C CYS B 107 -4.42 2.39 16.13
N HIS B 108 -5.59 1.80 15.87
CA HIS B 108 -6.14 1.79 14.50
C HIS B 108 -6.38 3.17 13.92
N ASP B 109 -6.46 4.24 14.73
CA ASP B 109 -6.68 5.58 14.22
C ASP B 109 -5.66 6.61 14.68
N LEU B 110 -4.43 6.20 14.98
CA LEU B 110 -3.50 7.18 15.53
C LEU B 110 -3.38 8.37 14.59
N ASP B 111 -3.31 9.56 15.19
CA ASP B 111 -2.97 10.76 14.45
C ASP B 111 -4.02 11.07 13.37
N HIS B 112 -5.23 10.57 13.52
CA HIS B 112 -6.30 10.91 12.58
C HIS B 112 -6.42 12.43 12.54
N PRO B 113 -6.44 13.04 11.35
CA PRO B 113 -6.51 14.51 11.26
C PRO B 113 -7.90 15.12 11.30
N GLY B 114 -8.97 14.33 11.27
CA GLY B 114 -10.31 14.87 11.18
C GLY B 114 -10.82 15.05 9.78
N TYR B 115 -10.20 14.41 8.79
CA TYR B 115 -10.60 14.55 7.40
C TYR B 115 -10.34 13.22 6.71
N ASN B 116 -11.39 12.66 6.12
CA ASN B 116 -11.32 11.25 5.73
C ASN B 116 -10.40 11.09 4.51
N ASN B 117 -10.44 9.90 3.92
CA ASN B 117 -9.60 9.61 2.76
C ASN B 117 -10.01 10.43 1.54
N THR B 118 -11.30 10.70 1.36
CA THR B 118 -11.74 11.53 0.24
C THR B 118 -11.19 12.95 0.32
N TYR B 119 -11.17 13.54 1.52
CA TYR B 119 -10.54 14.84 1.62
C TYR B 119 -9.05 14.74 1.33
N GLN B 120 -8.37 13.72 1.88
CA GLN B 120 -6.94 13.62 1.68
C GLN B 120 -6.63 13.52 0.20
N ILE B 121 -7.46 12.80 -0.55
CA ILE B 121 -7.17 12.56 -1.96
C ILE B 121 -7.51 13.78 -2.80
N ASN B 122 -8.72 14.35 -2.63
CA ASN B 122 -9.16 15.48 -3.45
C ASN B 122 -8.39 16.75 -3.14
N ALA B 123 -7.98 16.96 -1.91
CA ALA B 123 -7.10 18.09 -1.61
C ALA B 123 -5.64 17.79 -1.93
N ARG B 124 -5.35 16.58 -2.41
CA ARG B 124 -4.00 16.15 -2.77
C ARG B 124 -2.99 16.49 -1.69
N THR B 125 -3.31 16.10 -0.45
CA THR B 125 -2.52 16.36 0.73
C THR B 125 -1.27 15.48 0.76
N GLU B 126 -0.36 15.80 1.68
CA GLU B 126 0.88 15.06 1.76
C GLU B 126 0.62 13.58 2.06
N LEU B 127 -0.42 13.30 2.84
CA LEU B 127 -0.74 11.90 3.13
C LEU B 127 -1.12 11.17 1.86
N ALA B 128 -2.07 11.73 1.10
CA ALA B 128 -2.43 11.12 -0.17
C ALA B 128 -1.22 11.05 -1.12
N VAL B 129 -0.40 12.10 -1.17
CA VAL B 129 0.75 12.02 -2.07
C VAL B 129 1.74 11.02 -1.55
N ARG B 130 1.87 10.91 -0.22
CA ARG B 130 2.80 9.95 0.35
C ARG B 130 2.33 8.52 0.10
N TYR B 131 1.02 8.27 0.19
CA TYR B 131 0.50 6.91 0.11
C TYR B 131 -0.06 6.57 -1.26
N ASN B 132 0.11 7.43 -2.25
CA ASN B 132 -0.33 7.17 -3.62
C ASN B 132 -1.82 6.86 -3.70
N ASP B 133 -2.62 7.67 -3.00
CA ASP B 133 -4.08 7.60 -2.94
C ASP B 133 -4.61 6.28 -2.37
N ILE B 134 -3.76 5.39 -1.85
CA ILE B 134 -4.17 4.11 -1.29
C ILE B 134 -4.24 4.24 0.23
N SER B 135 -5.46 4.10 0.77
CA SER B 135 -5.85 4.22 2.17
C SER B 135 -4.95 5.13 2.97
N PRO B 136 -4.73 6.38 2.55
CA PRO B 136 -3.69 7.18 3.20
C PRO B 136 -3.84 7.29 4.71
N LEU B 137 -5.06 7.44 5.26
CA LEU B 137 -5.22 7.47 6.72
C LEU B 137 -4.77 6.15 7.36
N GLU B 138 -5.38 5.02 6.98
CA GLU B 138 -5.07 3.78 7.65
C GLU B 138 -3.59 3.41 7.46
N ASN B 139 -3.02 3.65 6.28
CA ASN B 139 -1.59 3.45 6.12
C ASN B 139 -0.83 4.27 7.15
N HIS B 140 -1.30 5.49 7.42
CA HIS B 140 -0.62 6.39 8.34
C HIS B 140 -0.87 6.03 9.79
N HIS B 141 -2.09 5.60 10.13
CA HIS B 141 -2.34 5.10 11.48
C HIS B 141 -1.37 3.98 11.83
N CYS B 142 -1.28 2.98 10.95
CA CYS B 142 -0.44 1.81 11.18
C CYS B 142 1.03 2.18 11.24
N ALA B 143 1.44 3.21 10.51
CA ALA B 143 2.83 3.62 10.52
C ALA B 143 3.21 4.33 11.81
N VAL B 144 2.34 5.19 12.33
CA VAL B 144 2.60 5.84 13.61
C VAL B 144 2.70 4.79 14.71
N ALA B 145 1.87 3.76 14.63
CA ALA B 145 1.90 2.72 15.66
C ALA B 145 3.29 2.13 15.78
N PHE B 146 3.86 1.70 14.64
CA PHE B 146 5.15 1.05 14.67
C PHE B 146 6.30 2.02 14.76
N GLN B 147 6.08 3.32 14.55
CA GLN B 147 7.06 4.32 14.95
C GLN B 147 7.09 4.46 16.46
N ILE B 148 5.92 4.34 17.09
CA ILE B 148 5.87 4.42 18.55
C ILE B 148 6.56 3.21 19.16
N LEU B 149 6.24 2.02 18.66
CA LEU B 149 6.94 0.80 19.05
C LEU B 149 8.38 0.77 18.58
N ALA B 150 8.78 1.67 17.68
CA ALA B 150 10.19 1.78 17.33
C ALA B 150 11.00 2.44 18.44
N GLU B 151 10.38 3.28 19.24
CA GLU B 151 11.09 3.84 20.37
C GLU B 151 11.32 2.74 21.41
N PRO B 152 12.50 2.68 22.02
CA PRO B 152 12.73 1.62 23.03
C PRO B 152 11.87 1.75 24.29
N GLU B 153 11.54 2.98 24.74
CA GLU B 153 10.73 3.15 25.94
C GLU B 153 9.23 3.04 25.69
N CYS B 154 8.81 2.73 24.47
CA CYS B 154 7.42 2.40 24.24
C CYS B 154 7.26 1.04 23.62
N ASN B 155 8.33 0.28 23.47
CA ASN B 155 8.23 -1.02 22.79
C ASN B 155 7.72 -2.07 23.77
N ILE B 156 6.40 -2.16 23.88
CA ILE B 156 5.75 -3.19 24.69
C ILE B 156 5.96 -4.55 24.04
N PHE B 157 6.74 -4.60 22.97
CA PHE B 157 7.01 -5.86 22.33
C PHE B 157 8.45 -6.31 22.53
N SER B 158 9.22 -5.60 23.38
CA SER B 158 10.68 -5.71 23.41
C SER B 158 11.18 -7.13 23.71
N ASN B 159 10.37 -7.94 24.40
CA ASN B 159 10.80 -9.28 24.75
C ASN B 159 10.21 -10.37 23.84
N ILE B 160 9.74 -10.01 22.66
CA ILE B 160 9.19 -10.98 21.71
C ILE B 160 10.26 -11.32 20.69
N PRO B 161 10.54 -12.59 20.42
CA PRO B 161 11.60 -12.92 19.47
C PRO B 161 11.25 -12.40 18.11
N PRO B 162 12.24 -12.01 17.31
CA PRO B 162 11.96 -11.37 16.02
C PRO B 162 10.96 -12.18 15.17
N ASP B 163 11.08 -13.50 15.19
CA ASP B 163 10.06 -14.34 14.54
C ASP B 163 8.66 -14.00 15.03
N GLY B 164 8.51 -13.71 16.32
CA GLY B 164 7.23 -13.28 16.86
C GLY B 164 6.85 -11.88 16.41
N PHE B 165 7.80 -10.93 16.51
CA PHE B 165 7.49 -9.55 16.16
C PHE B 165 7.00 -9.45 14.72
N LYS B 166 7.71 -10.11 13.79
CA LYS B 166 7.23 -10.19 12.42
C LYS B 166 5.82 -10.75 12.35
N GLN B 167 5.52 -11.75 13.18
CA GLN B 167 4.21 -12.37 13.15
C GLN B 167 3.11 -11.39 13.59
N ILE B 168 3.41 -10.56 14.58
CA ILE B 168 2.41 -9.65 15.11
C ILE B 168 2.26 -8.42 14.22
N ARG B 169 3.39 -7.81 13.85
CA ARG B 169 3.39 -6.67 12.93
C ARG B 169 2.56 -6.94 11.67
N GLN B 170 2.69 -8.13 11.09
CA GLN B 170 1.91 -8.46 9.89
C GLN B 170 0.42 -8.41 10.18
N GLY B 171 -0.04 -9.21 11.14
CA GLY B 171 -1.45 -9.23 11.48
C GLY B 171 -1.98 -7.87 11.88
N MET B 172 -1.20 -7.10 12.64
CA MET B 172 -1.63 -5.77 13.03
C MET B 172 -1.92 -4.92 11.82
N ILE B 173 -1.08 -5.03 10.78
CA ILE B 173 -1.23 -4.21 9.59
C ILE B 173 -2.49 -4.61 8.81
N THR B 174 -2.70 -5.91 8.62
CA THR B 174 -3.94 -6.34 7.97
C THR B 174 -5.16 -5.74 8.66
N LEU B 175 -5.23 -5.86 9.99
CA LEU B 175 -6.39 -5.37 10.73
C LEU B 175 -6.57 -3.87 10.59
N ILE B 176 -5.50 -3.09 10.77
CA ILE B 176 -5.66 -1.64 10.75
C ILE B 176 -6.05 -1.16 9.37
N LEU B 177 -5.46 -1.72 8.31
CA LEU B 177 -5.85 -1.34 6.97
C LEU B 177 -7.20 -1.93 6.58
N ALA B 178 -7.72 -2.90 7.31
CA ALA B 178 -9.05 -3.42 7.00
C ALA B 178 -10.16 -2.48 7.42
N THR B 179 -9.85 -1.47 8.24
CA THR B 179 -10.85 -0.54 8.75
C THR B 179 -11.10 0.63 7.82
N ASP B 180 -10.51 0.62 6.64
CA ASP B 180 -10.88 1.58 5.61
C ASP B 180 -12.27 1.23 5.13
N MET B 181 -13.24 2.11 5.36
CA MET B 181 -14.60 1.77 4.97
C MET B 181 -14.74 1.60 3.46
N ALA B 182 -13.83 2.17 2.68
CA ALA B 182 -13.84 1.94 1.24
C ALA B 182 -13.85 0.47 0.88
N ARG B 183 -13.36 -0.40 1.78
CA ARG B 183 -13.18 -1.84 1.54
C ARG B 183 -14.25 -2.69 2.23
N HIS B 184 -15.26 -2.05 2.82
CA HIS B 184 -16.25 -2.78 3.59
C HIS B 184 -16.87 -3.91 2.79
N ALA B 185 -17.33 -3.62 1.58
CA ALA B 185 -18.04 -4.64 0.82
C ALA B 185 -17.09 -5.74 0.37
N GLU B 186 -15.86 -5.39 -0.02
CA GLU B 186 -14.89 -6.40 -0.41
C GLU B 186 -14.59 -7.37 0.74
N ILE B 187 -14.34 -6.83 1.94
CA ILE B 187 -13.98 -7.69 3.07
C ILE B 187 -15.18 -8.49 3.54
N MET B 188 -16.33 -7.84 3.69
CA MET B 188 -17.53 -8.58 4.07
C MET B 188 -17.79 -9.73 3.11
N ASP B 189 -17.67 -9.46 1.80
CA ASP B 189 -17.92 -10.49 0.79
C ASP B 189 -16.95 -11.66 0.93
N SER B 190 -15.66 -11.36 1.14
CA SER B 190 -14.69 -12.45 1.37
C SER B 190 -15.08 -13.25 2.60
N PHE B 191 -15.58 -12.57 3.62
CA PHE B 191 -16.00 -13.23 4.86
C PHE B 191 -17.23 -14.09 4.64
N LYS B 192 -18.27 -13.55 3.99
CA LYS B 192 -19.46 -14.34 3.73
C LYS B 192 -19.14 -15.55 2.86
N GLU B 193 -18.16 -15.43 1.97
CA GLU B 193 -17.67 -16.58 1.20
C GLU B 193 -17.12 -17.65 2.13
N LYS B 194 -16.07 -17.32 2.89
CA LYS B 194 -15.48 -18.29 3.80
C LYS B 194 -16.48 -18.82 4.84
N MET B 195 -17.55 -18.05 5.12
CA MET B 195 -18.49 -18.40 6.19
C MET B 195 -19.44 -19.52 5.79
N GLU B 196 -19.65 -19.72 4.49
CA GLU B 196 -20.47 -20.83 4.00
C GLU B 196 -19.97 -22.19 4.48
N ASN B 197 -18.72 -22.27 4.91
CA ASN B 197 -18.18 -23.49 5.49
C ASN B 197 -16.92 -23.09 6.23
N PHE B 198 -17.11 -22.32 7.31
CA PHE B 198 -16.01 -21.74 8.05
C PHE B 198 -15.12 -22.84 8.63
N ASP B 199 -13.89 -22.47 8.97
CA ASP B 199 -12.89 -23.43 9.44
C ASP B 199 -11.90 -22.71 10.35
N TYR B 200 -11.98 -22.98 11.66
CA TYR B 200 -11.04 -22.37 12.61
C TYR B 200 -9.62 -22.86 12.43
N SER B 201 -9.40 -23.94 11.66
CA SER B 201 -8.06 -24.45 11.42
C SER B 201 -7.38 -23.77 10.25
N ASN B 202 -8.08 -22.84 9.59
CA ASN B 202 -7.74 -22.32 8.26
C ASN B 202 -7.30 -20.87 8.42
N GLU B 203 -6.02 -20.60 8.13
CA GLU B 203 -5.45 -19.29 8.44
C GLU B 203 -6.16 -18.17 7.70
N GLU B 204 -6.60 -18.42 6.47
CA GLU B 204 -7.29 -17.39 5.71
C GLU B 204 -8.67 -17.10 6.28
N HIS B 205 -9.38 -18.17 6.68
CA HIS B 205 -10.65 -18.00 7.39
C HIS B 205 -10.48 -17.21 8.69
N MET B 206 -9.34 -17.34 9.35
CA MET B 206 -9.12 -16.66 10.63
C MET B 206 -8.56 -15.26 10.46
N THR B 207 -7.96 -14.94 9.32
CA THR B 207 -7.54 -13.57 9.14
C THR B 207 -8.73 -12.67 8.79
N LEU B 208 -9.68 -13.20 8.00
CA LEU B 208 -10.92 -12.49 7.73
C LEU B 208 -11.73 -12.28 9.00
N LEU B 209 -11.84 -13.32 9.84
CA LEU B 209 -12.57 -13.16 11.10
C LEU B 209 -11.92 -12.09 11.98
N LYS B 210 -10.58 -12.03 12.04
CA LYS B 210 -9.96 -10.96 12.81
C LYS B 210 -10.24 -9.59 12.19
N MET B 211 -10.40 -9.52 10.86
CA MET B 211 -10.70 -8.26 10.18
C MET B 211 -12.12 -7.82 10.46
N ILE B 212 -13.06 -8.76 10.40
CA ILE B 212 -14.45 -8.47 10.75
C ILE B 212 -14.54 -7.96 12.19
N LEU B 213 -13.86 -8.64 13.12
CA LEU B 213 -13.91 -8.22 14.51
C LEU B 213 -13.42 -6.78 14.69
N ILE B 214 -12.23 -6.44 14.17
CA ILE B 214 -11.78 -5.06 14.33
C ILE B 214 -12.73 -4.09 13.62
N LYS B 215 -13.26 -4.48 12.46
CA LYS B 215 -14.26 -3.65 11.80
C LYS B 215 -15.52 -3.51 12.67
N CYS B 216 -15.95 -4.62 13.30
CA CYS B 216 -17.11 -4.56 14.19
C CYS B 216 -16.90 -3.55 15.31
N CYS B 217 -15.76 -3.65 16.00
CA CYS B 217 -15.58 -2.77 17.15
C CYS B 217 -15.40 -1.35 16.70
N ASP B 218 -14.85 -1.19 15.50
CA ASP B 218 -14.62 0.14 14.95
C ASP B 218 -15.91 0.95 14.91
N ILE B 219 -16.98 0.37 14.39
CA ILE B 219 -18.23 1.11 14.20
C ILE B 219 -19.28 0.66 15.21
N SER B 220 -18.84 0.17 16.37
CA SER B 220 -19.75 -0.45 17.34
C SER B 220 -20.53 0.55 18.18
N ASN B 221 -20.49 1.86 17.88
CA ASN B 221 -21.08 2.87 18.78
C ASN B 221 -22.56 2.60 19.07
N GLU B 222 -23.37 2.26 18.05
CA GLU B 222 -24.80 1.99 18.25
C GLU B 222 -25.09 0.63 18.89
N VAL B 223 -24.08 -0.17 19.22
CA VAL B 223 -24.28 -1.34 20.06
C VAL B 223 -24.35 -0.95 21.54
N ARG B 224 -23.77 0.19 21.90
CA ARG B 224 -23.85 0.71 23.25
C ARG B 224 -25.29 1.18 23.56
N PRO B 225 -25.63 1.38 24.84
CA PRO B 225 -26.96 1.88 25.18
C PRO B 225 -27.20 3.29 24.63
N MET B 226 -28.48 3.63 24.44
CA MET B 226 -28.85 4.92 23.84
C MET B 226 -28.13 6.09 24.49
N GLU B 227 -28.03 6.11 25.84
CA GLU B 227 -27.38 7.22 26.53
C GLU B 227 -25.89 7.32 26.21
N VAL B 228 -25.24 6.19 25.94
CA VAL B 228 -23.81 6.20 25.63
C VAL B 228 -23.59 6.55 24.17
N ALA B 229 -24.45 6.06 23.28
CA ALA B 229 -24.23 6.16 21.85
C ALA B 229 -24.54 7.56 21.35
N GLU B 230 -25.74 8.05 21.63
CA GLU B 230 -26.24 9.26 20.96
C GLU B 230 -25.25 10.42 20.91
N PRO B 231 -24.48 10.74 21.95
CA PRO B 231 -23.50 11.82 21.82
C PRO B 231 -22.37 11.52 20.84
N TRP B 232 -22.10 10.24 20.55
CA TRP B 232 -21.14 9.92 19.50
C TRP B 232 -21.65 10.35 18.14
N VAL B 233 -22.95 10.20 17.90
CA VAL B 233 -23.56 10.67 16.66
C VAL B 233 -23.31 12.15 16.47
N ASP B 234 -23.36 12.91 17.56
CA ASP B 234 -23.10 14.34 17.51
C ASP B 234 -21.65 14.66 17.22
N CYS B 235 -20.73 14.01 17.93
CA CYS B 235 -19.32 14.20 17.59
C CYS B 235 -19.08 13.86 16.14
N LEU B 236 -19.75 12.82 15.63
CA LEU B 236 -19.53 12.38 14.26
C LEU B 236 -19.89 13.47 13.27
N LEU B 237 -21.13 13.96 13.35
CA LEU B 237 -21.56 15.01 12.42
C LEU B 237 -20.70 16.26 12.61
N GLU B 238 -20.16 16.45 13.81
CA GLU B 238 -19.32 17.62 14.07
C GLU B 238 -18.02 17.58 13.30
N GLU B 239 -17.30 16.45 13.39
CA GLU B 239 -16.11 16.21 12.57
C GLU B 239 -16.44 16.29 11.08
N TYR B 240 -17.50 15.60 10.66
CA TYR B 240 -17.92 15.68 9.27
C TYR B 240 -18.22 17.12 8.85
N PHE B 241 -18.88 17.89 9.70
CA PHE B 241 -19.24 19.25 9.31
C PHE B 241 -18.00 20.12 9.15
N MET B 242 -16.96 19.88 9.96
CA MET B 242 -15.67 20.52 9.69
C MET B 242 -15.18 20.19 8.29
N GLN B 243 -15.29 18.93 7.89
CA GLN B 243 -14.75 18.52 6.60
C GLN B 243 -15.49 19.18 5.45
N SER B 244 -16.82 19.17 5.49
CA SER B 244 -17.60 19.69 4.37
C SER B 244 -17.62 21.21 4.34
N ASP B 245 -17.51 21.86 5.51
CA ASP B 245 -17.33 23.33 5.50
C ASP B 245 -16.06 23.69 4.76
N ARG B 246 -14.95 23.04 5.14
CA ARG B 246 -13.67 23.32 4.51
C ARG B 246 -13.69 22.95 3.03
N GLU B 247 -14.25 21.77 2.71
CA GLU B 247 -14.43 21.40 1.31
C GLU B 247 -15.11 22.52 0.51
N LYS B 248 -16.12 23.17 1.11
CA LYS B 248 -16.86 24.21 0.43
C LYS B 248 -15.97 25.43 0.18
N SER B 249 -15.22 25.86 1.19
CA SER B 249 -14.34 27.02 1.07
C SER B 249 -13.29 26.82 0.00
N GLU B 250 -12.92 25.56 -0.30
CA GLU B 250 -11.84 25.29 -1.24
C GLU B 250 -12.34 24.84 -2.60
N GLY B 251 -13.64 24.72 -2.79
CA GLY B 251 -14.13 24.26 -4.07
C GLY B 251 -13.91 22.78 -4.28
N LEU B 252 -13.88 21.98 -3.16
CA LEU B 252 -13.79 20.54 -3.14
C LEU B 252 -15.18 19.93 -3.10
N PRO B 253 -15.36 18.74 -3.68
CA PRO B 253 -16.67 18.08 -3.62
C PRO B 253 -17.05 17.78 -2.18
N VAL B 254 -18.34 17.88 -1.88
CA VAL B 254 -18.86 17.57 -0.57
C VAL B 254 -19.64 16.28 -0.67
N ALA B 255 -19.30 15.32 0.19
CA ALA B 255 -20.11 14.12 0.29
C ALA B 255 -21.48 14.53 0.81
N PRO B 256 -22.57 14.14 0.13
CA PRO B 256 -23.90 14.44 0.68
C PRO B 256 -24.10 14.00 2.12
N PHE B 257 -23.63 12.81 2.51
CA PHE B 257 -23.85 12.44 3.90
C PHE B 257 -23.06 13.28 4.88
N MET B 258 -22.19 14.18 4.43
CA MET B 258 -21.51 15.12 5.30
C MET B 258 -22.06 16.53 5.19
N ASP B 259 -23.14 16.72 4.42
CA ASP B 259 -23.55 18.07 4.06
C ASP B 259 -24.38 18.68 5.18
N ARG B 260 -23.89 19.80 5.68
CA ARG B 260 -24.57 20.54 6.73
C ARG B 260 -26.05 20.75 6.46
N ASP B 261 -26.39 21.15 5.22
CA ASP B 261 -27.75 21.45 4.76
C ASP B 261 -28.50 20.24 4.25
N LYS B 262 -28.04 19.02 4.54
CA LYS B 262 -28.72 17.82 4.06
C LYS B 262 -28.89 16.73 5.10
N VAL B 263 -28.02 16.58 6.08
CA VAL B 263 -27.96 15.38 6.90
C VAL B 263 -28.65 15.67 8.23
N THR B 264 -29.41 14.70 8.73
CA THR B 264 -29.99 14.78 10.06
C THR B 264 -29.42 13.63 10.87
N LYS B 265 -29.52 13.71 12.20
CA LYS B 265 -29.10 12.58 13.01
C LYS B 265 -29.81 11.29 12.59
N ALA B 266 -31.10 11.40 12.21
CA ALA B 266 -31.86 10.26 11.74
C ALA B 266 -31.25 9.65 10.49
N THR B 267 -30.98 10.47 9.48
CA THR B 267 -30.47 9.93 8.23
C THR B 267 -29.00 9.59 8.30
N ALA B 268 -28.31 10.02 9.34
CA ALA B 268 -26.93 9.59 9.50
C ALA B 268 -26.88 8.15 9.94
N GLN B 269 -27.89 7.70 10.66
CA GLN B 269 -27.85 6.45 11.40
C GLN B 269 -28.72 5.31 10.84
N ILE B 270 -29.78 5.61 10.09
CA ILE B 270 -30.72 4.57 9.72
C ILE B 270 -30.13 3.62 8.70
N GLY B 271 -29.62 4.15 7.59
CA GLY B 271 -29.01 3.29 6.60
C GLY B 271 -27.73 2.64 7.11
N PHE B 272 -26.98 3.36 7.93
CA PHE B 272 -25.73 2.82 8.45
C PHE B 272 -26.00 1.62 9.34
N ILE B 273 -26.98 1.73 10.24
CA ILE B 273 -27.33 0.61 11.11
C ILE B 273 -27.92 -0.55 10.30
N LYS B 274 -28.86 -0.24 9.41
CA LYS B 274 -29.62 -1.27 8.71
C LYS B 274 -28.78 -2.00 7.67
N PHE B 275 -27.81 -1.32 7.05
CA PHE B 275 -27.11 -1.87 5.91
C PHE B 275 -25.62 -2.09 6.13
N VAL B 276 -25.08 -1.73 7.28
CA VAL B 276 -23.67 -1.97 7.59
C VAL B 276 -23.52 -2.64 8.96
N LEU B 277 -24.17 -2.09 9.98
CA LEU B 277 -24.05 -2.66 11.32
C LEU B 277 -24.80 -3.99 11.43
N ILE B 278 -26.12 -3.96 11.26
CA ILE B 278 -26.90 -5.19 11.39
C ILE B 278 -26.37 -6.31 10.50
N PRO B 279 -26.21 -6.14 9.16
CA PRO B 279 -25.69 -7.26 8.35
C PRO B 279 -24.35 -7.79 8.82
N MET B 280 -23.46 -6.91 9.27
CA MET B 280 -22.14 -7.35 9.71
C MET B 280 -22.24 -8.20 10.97
N PHE B 281 -22.94 -7.70 11.99
CA PHE B 281 -23.13 -8.48 13.21
C PHE B 281 -24.02 -9.70 12.98
N GLU B 282 -24.83 -9.69 11.92
CA GLU B 282 -25.61 -10.88 11.57
C GLU B 282 -24.68 -12.04 11.22
N THR B 283 -23.64 -11.78 10.42
CA THR B 283 -22.76 -12.86 10.01
C THR B 283 -21.86 -13.31 11.18
N VAL B 284 -21.46 -12.39 12.07
CA VAL B 284 -20.71 -12.81 13.25
C VAL B 284 -21.58 -13.69 14.15
N THR B 285 -22.86 -13.36 14.27
CA THR B 285 -23.75 -14.14 15.13
C THR B 285 -23.84 -15.60 14.69
N LYS B 286 -23.51 -15.91 13.43
CA LYS B 286 -23.56 -17.29 12.95
C LYS B 286 -22.37 -18.11 13.42
N LEU B 287 -21.26 -17.48 13.79
CA LEU B 287 -20.22 -18.16 14.54
C LEU B 287 -20.42 -18.03 16.05
N PHE B 288 -21.05 -16.95 16.51
CA PHE B 288 -21.19 -16.63 17.93
C PHE B 288 -22.61 -16.17 18.17
N PRO B 289 -23.54 -17.11 18.33
CA PRO B 289 -24.95 -16.73 18.53
C PRO B 289 -25.20 -15.86 19.75
N MET B 290 -24.29 -15.88 20.74
CA MET B 290 -24.48 -15.02 21.91
C MET B 290 -24.51 -13.53 21.56
N VAL B 291 -24.05 -13.17 20.35
CA VAL B 291 -23.99 -11.78 19.90
C VAL B 291 -25.38 -11.25 19.54
N GLU B 292 -26.27 -12.11 19.05
CA GLU B 292 -27.64 -11.67 18.78
C GLU B 292 -28.28 -11.03 19.99
N GLU B 293 -28.08 -11.63 21.16
CA GLU B 293 -28.69 -11.14 22.38
C GLU B 293 -28.05 -9.84 22.85
N ILE B 294 -26.73 -9.72 22.70
CA ILE B 294 -26.03 -8.61 23.34
C ILE B 294 -25.85 -7.39 22.43
N MET B 295 -25.78 -7.59 21.10
CA MET B 295 -25.40 -6.56 20.14
C MET B 295 -26.40 -6.33 19.01
N LEU B 296 -26.96 -7.40 18.44
CA LEU B 296 -28.12 -7.21 17.56
C LEU B 296 -29.26 -6.57 18.32
N GLN B 297 -29.46 -6.97 19.57
CA GLN B 297 -30.59 -6.50 20.35
C GLN B 297 -30.56 -4.98 20.38
N PRO B 298 -29.50 -4.34 20.91
CA PRO B 298 -29.45 -2.87 20.82
C PRO B 298 -29.45 -2.30 19.40
N LEU B 299 -28.96 -3.05 18.40
CA LEU B 299 -28.98 -2.55 17.02
C LEU B 299 -30.39 -2.49 16.44
N TRP B 300 -31.25 -3.46 16.77
CA TRP B 300 -32.64 -3.39 16.30
C TRP B 300 -33.37 -2.24 16.99
N GLU B 301 -33.13 -2.04 18.30
CA GLU B 301 -33.79 -0.97 19.03
C GLU B 301 -33.39 0.39 18.48
N SER B 302 -32.10 0.59 18.24
CA SER B 302 -31.64 1.87 17.69
C SER B 302 -32.15 2.10 16.27
N ARG B 303 -32.25 1.04 15.47
CA ARG B 303 -32.90 1.13 14.16
C ARG B 303 -34.28 1.77 14.26
N ASP B 304 -35.18 1.08 14.95
CA ASP B 304 -36.55 1.56 15.09
C ASP B 304 -36.61 2.95 15.68
N ARG B 305 -35.80 3.21 16.70
CA ARG B 305 -35.80 4.51 17.33
C ARG B 305 -35.47 5.61 16.32
N TYR B 306 -34.41 5.41 15.52
CA TYR B 306 -34.10 6.44 14.54
C TYR B 306 -35.09 6.44 13.38
N GLU B 307 -35.76 5.32 13.14
CA GLU B 307 -36.79 5.33 12.11
C GLU B 307 -37.97 6.22 12.53
N GLU B 308 -38.54 6.00 13.74
CA GLU B 308 -39.62 6.88 14.19
C GLU B 308 -39.13 8.33 14.27
N LEU B 309 -37.90 8.55 14.73
CA LEU B 309 -37.36 9.89 14.72
C LEU B 309 -37.38 10.51 13.33
N LYS B 310 -37.20 9.70 12.27
CA LYS B 310 -37.19 10.25 10.92
C LYS B 310 -38.58 10.62 10.46
N ARG B 311 -39.57 9.78 10.77
CA ARG B 311 -40.97 10.12 10.50
C ARG B 311 -41.38 11.39 11.22
N ILE B 312 -40.98 11.53 12.49
CA ILE B 312 -41.24 12.77 13.22
C ILE B 312 -40.63 13.97 12.49
N ASP B 313 -39.38 13.83 12.04
CA ASP B 313 -38.70 14.92 11.34
C ASP B 313 -39.42 15.29 10.05
N ASP B 314 -39.79 14.29 9.25
CA ASP B 314 -40.47 14.54 7.99
C ASP B 314 -41.83 15.20 8.21
N ALA B 315 -42.58 14.73 9.21
CA ALA B 315 -43.87 15.32 9.53
C ALA B 315 -43.71 16.75 9.98
N MET B 316 -42.65 17.05 10.73
CA MET B 316 -42.43 18.42 11.14
C MET B 316 -41.89 19.26 10.01
N LYS B 317 -41.26 18.65 9.01
CA LYS B 317 -40.98 19.43 7.82
C LYS B 317 -42.30 19.59 7.07
N GLU B 318 -43.23 20.33 7.68
CA GLU B 318 -44.51 20.75 7.08
C GLU B 318 -44.82 22.14 7.63
N LEU B 319 -43.87 23.05 7.44
CA LEU B 319 -44.01 24.45 7.81
C LEU B 319 -44.31 25.26 6.54
ZN ZN C . 14.01 -0.64 -12.27
MG MG D . 12.33 -0.73 -8.62
N1 EZU E . 19.45 -10.16 -13.77
C2 EZU E . 19.05 -10.27 -12.47
N3 EZU E . 18.34 -9.35 -11.83
C4 EZU E . 18.01 -8.31 -12.61
C5 EZU E . 18.33 -8.11 -13.97
C6 EZU E . 19.14 -9.09 -14.61
N7 EZU E . 17.29 -7.23 -12.22
N8 EZU E . 17.10 -6.35 -13.26
C9 EZU E . 17.73 -6.88 -14.30
O10 EZU E . 19.54 -9.05 -15.77
C11 EZU E . 16.79 -6.93 -10.87
N12 EZU E . 19.39 -11.44 -11.83
C13 EZU E . 19.08 -12.07 -10.55
C14 EZU E . 18.06 -11.37 -9.65
C15 EZU E . 18.63 -13.52 -10.75
N16 EZU E . 16.82 -11.89 -9.54
O17 EZU E . 18.39 -10.35 -9.02
C18 EZU E . 15.69 -11.01 -9.87
C19 EZU E . 15.12 -11.37 -8.48
C20 EZU E . 16.13 -12.54 -8.43
C21 EZU E . 15.04 -10.30 -7.39
O22 EZU E . 13.66 -10.62 -7.10
C23 EZU E . 13.62 -11.54 -8.23
C24 EZU E . 15.27 -7.10 -10.70
C25 EZU E . 14.77 -5.74 -10.32
C26 EZU E . 15.90 -5.09 -9.62
C27 EZU E . 17.11 -5.50 -10.40
ZN ZN F . -12.15 4.35 13.77
MG MG G . -10.15 4.63 11.15
N1 EZU H . -22.75 6.38 11.92
C2 EZU H . -22.22 6.69 10.70
N3 EZU H . -20.99 6.42 10.31
C4 EZU H . -20.26 5.84 11.29
C5 EZU H . -20.69 5.44 12.55
C6 EZU H . -22.05 5.74 12.93
N7 EZU H . -18.92 5.71 11.26
N8 EZU H . -18.43 5.28 12.46
C9 EZU H . -19.50 5.11 13.23
O10 EZU H . -22.60 5.49 14.01
C11 EZU H . -17.99 5.98 10.14
N12 EZU H . -23.00 7.39 9.83
C13 EZU H . -22.56 7.92 8.54
C14 EZU H . -22.68 6.84 7.48
C15 EZU H . -23.41 9.12 8.13
N16 EZU H . -21.62 6.54 6.72
O17 EZU H . -23.74 6.25 7.33
C18 EZU H . -20.18 6.76 6.86
C19 EZU H . -19.96 5.79 5.68
C20 EZU H . -21.49 5.78 5.48
C21 EZU H . -18.96 6.15 4.58
O22 EZU H . -18.07 5.08 4.97
C23 EZU H . -19.12 4.51 5.79
C24 EZU H . -17.18 4.75 9.74
C25 EZU H . -15.92 5.31 9.19
C26 EZU H . -15.62 6.48 9.99
C27 EZU H . -16.95 7.05 10.47
#